data_3IAY
#
_entry.id   3IAY
#
_cell.length_a   81.077
_cell.length_b   85.948
_cell.length_c   86.872
_cell.angle_alpha   90.00
_cell.angle_beta   111.10
_cell.angle_gamma   90.00
#
_symmetry.space_group_name_H-M   'P 1 21 1'
#
loop_
_entity.id
_entity.type
_entity.pdbx_description
1 polymer "5'-D(*AP*TP*CP*CP*TP*CP*CP*CP*CP*TP*AP*(DOC))-3'"
2 polymer "5'-D(*TP*AP*AP*GP*GP*TP*AP*GP*GP*GP*GP*AP*GP*GP*AP*T)-3'"
3 polymer 'DNA polymerase delta catalytic subunit'
4 non-polymer 'CALCIUM ION'
5 non-polymer "2'-DEOXYCYTIDINE-5'-TRIPHOSPHATE"
6 non-polymer 'ACETATE ION'
7 water water
#
loop_
_entity_poly.entity_id
_entity_poly.type
_entity_poly.pdbx_seq_one_letter_code
_entity_poly.pdbx_strand_id
1 'polydeoxyribonucleotide' (DA)(DT)(DC)(DC)(DT)(DC)(DC)(DC)(DC)(DT)(DA)(DOC) P
2 'polydeoxyribonucleotide' (DT)(DA)(DA)(DG)(DG)(DT)(DA)(DG)(DG)(DG)(DG)(DA)(DG)(DG)(DA)(DT) T
3 'polypeptide(L)'
;MGTQLESTFEQDVSQMEHDMADQEEHDLSSFERKKLPTDFDPSLYDISFQQIDAEQSVLNGIKDENTSTVVRFFGVTSEG
HSVLCNVTGFKNYLYVPAPNSSDANDQEQINKFVHYLNETFDHAIDSIEVVSKQSIWGYSGDTKLPFWKIYVTYPHMVNK
LRTAFERGHLSFNSWFSNGTTTYDNIAYTLRLMVDCGIVGMSWITLPKGKYSMIEPNNRVSSCQLEVSINYRNLIAHPAE
GDWSHTAPLRIMSFDIECAGRIGVFPEPEYDPVIQIANVVSIAGAKKPFIRNVFTLNTCSPITGSMIFSHATEEEMLSNW
RNFIIKVDPDVIIGYNTTNFDIPYLLNRAKALKVNDFPYFGRLKTVKQEIKESVFSSKAYGTRETKNVNIDGRLQLDLLQ
FIQREYKLRSYTLNAVSAHFLGEQKEDVHYSIISDLQNGDSETRRRLAVYCLKDAYLPLRLMEKLMALVNYTEMARVTGV
PFSYLLARGQQIKVVSQLFRKCLEIDTVIPNMQSQASDDQYEGATVIEPIRGYYDVPIATLDFNSLYPSIMMAHNLCYTT
LCNKATVERLNLKIDEDYVITPNGDYFVTTKRRRGILPIILDELISARKRAKKDLRDEKDPFKRDVLNGRQLALKISANS
VYGFTGATVGKLPCLAISSSVTAYGRTMILKTKTAVQEKYCIKNGYKHDAVVVYGDTDSVMVKFGTTDLKEAMDLGTEAA
KYVSTLFKHPINLEFEKAYFPYLLINKKRYAGLFWTNPDKFDKLDQKGLASVRRDSCSLVSIVMNKVLKKILIERNVDGA
LAFVRETINDILHNRVDISKLIISKTLAPNYTNPQPHAVLAERMKRREGVGPNVGDRVDYVIIGGNDKLYNRAEDPLFVL
ENNIQVDSRYYLTNQLQNPIISIVAPIIGDKQANGMFVV
;
A
#
loop_
_chem_comp.id
_chem_comp.type
_chem_comp.name
_chem_comp.formula
ACT non-polymer 'ACETATE ION' 'C2 H3 O2 -1'
CA non-polymer 'CALCIUM ION' 'Ca 2'
DA DNA linking 2'-DEOXYADENOSINE-5'-MONOPHOSPHATE 'C10 H14 N5 O6 P'
DC DNA linking 2'-DEOXYCYTIDINE-5'-MONOPHOSPHATE 'C9 H14 N3 O7 P'
DCP non-polymer 2'-DEOXYCYTIDINE-5'-TRIPHOSPHATE 'C9 H16 N3 O13 P3'
DG DNA linking 2'-DEOXYGUANOSINE-5'-MONOPHOSPHATE 'C10 H14 N5 O7 P'
DOC DNA linking 2',3'-DIDEOXYCYTIDINE-5'-MONOPHOSPHATE 'C9 H14 N3 O6 P'
DT DNA linking THYMIDINE-5'-MONOPHOSPHATE 'C10 H15 N2 O8 P'
#
# COMPACT_ATOMS: atom_id res chain seq x y z
N1 DOC A 12 6.03 15.77 -2.59
C2 DOC A 12 6.62 14.75 -3.34
N3 DOC A 12 6.55 13.46 -2.95
C4 DOC A 12 5.93 13.14 -1.79
C5 DOC A 12 5.31 14.16 -1.01
C6 DOC A 12 5.39 15.48 -1.42
O2 DOC A 12 7.21 15.05 -4.40
N4 DOC A 12 5.90 11.84 -1.43
C1' DOC A 12 6.18 17.16 -3.07
C2' DOC A 12 5.21 17.54 -4.19
C3' DOC A 12 4.31 18.63 -3.59
C4' DOC A 12 5.14 19.14 -2.41
O4' DOC A 12 5.99 18.08 -1.99
C5' DOC A 12 4.29 19.57 -1.23
O5' DOC A 12 5.22 20.29 -0.45
P DOC A 12 4.99 20.71 1.07
OP1 DOC A 12 5.17 22.22 1.09
OP2 DOC A 12 3.75 20.05 1.59
N SER C 29 -18.37 -20.11 20.48
CA SER C 29 -19.36 -21.07 19.94
C SER C 29 -18.81 -21.88 18.77
N SER C 30 -19.36 -21.64 17.58
CA SER C 30 -18.87 -22.30 16.37
C SER C 30 -19.97 -22.52 15.34
N PHE C 31 -21.10 -21.82 15.49
CA PHE C 31 -22.17 -21.91 14.50
C PHE C 31 -21.65 -22.08 13.06
N GLU C 32 -22.35 -22.91 12.30
CA GLU C 32 -21.94 -23.23 10.94
C GLU C 32 -22.77 -22.43 9.97
N ARG C 33 -22.39 -22.47 8.70
CA ARG C 33 -23.10 -21.70 7.68
C ARG C 33 -24.52 -22.22 7.47
N LYS C 34 -25.38 -21.34 6.96
CA LYS C 34 -26.75 -21.70 6.64
C LYS C 34 -26.73 -22.92 5.73
N LYS C 35 -27.62 -23.87 6.01
CA LYS C 35 -27.72 -25.09 5.21
C LYS C 35 -28.17 -24.76 3.79
N LEU C 36 -27.66 -25.51 2.83
CA LEU C 36 -28.05 -25.35 1.43
C LEU C 36 -29.50 -25.75 1.28
N PRO C 37 -30.16 -25.25 0.22
CA PRO C 37 -31.49 -25.73 -0.09
C PRO C 37 -31.48 -27.26 -0.24
N THR C 38 -32.54 -27.90 0.24
CA THR C 38 -32.61 -29.36 0.24
C THR C 38 -32.66 -29.94 -1.18
N ASP C 39 -33.21 -29.17 -2.12
CA ASP C 39 -33.34 -29.66 -3.48
C ASP C 39 -32.22 -29.15 -4.36
N PHE C 40 -31.10 -28.74 -3.76
CA PHE C 40 -30.06 -28.13 -4.56
C PHE C 40 -29.58 -29.07 -5.67
N ASP C 41 -29.35 -28.51 -6.85
CA ASP C 41 -28.93 -29.28 -8.00
C ASP C 41 -28.47 -28.29 -9.05
N PRO C 42 -27.35 -28.60 -9.71
CA PRO C 42 -26.77 -27.70 -10.69
C PRO C 42 -27.72 -27.30 -11.83
N SER C 43 -28.70 -28.14 -12.15
CA SER C 43 -29.64 -27.83 -13.23
C SER C 43 -30.74 -26.87 -12.78
N LEU C 44 -30.83 -26.61 -11.49
CA LEU C 44 -31.94 -25.82 -10.93
C LEU C 44 -31.53 -24.42 -10.45
N TYR C 45 -30.29 -24.32 -9.99
CA TYR C 45 -29.83 -23.15 -9.23
C TYR C 45 -28.66 -22.46 -9.94
N ASP C 46 -28.78 -21.15 -10.14
CA ASP C 46 -27.63 -20.36 -10.47
C ASP C 46 -26.82 -20.31 -9.18
N ILE C 47 -25.52 -20.12 -9.29
CA ILE C 47 -24.71 -19.73 -8.13
C ILE C 47 -24.05 -18.38 -8.41
N SER C 48 -24.44 -17.35 -7.66
CA SER C 48 -23.81 -16.04 -7.77
C SER C 48 -23.08 -15.82 -6.44
N PHE C 49 -21.79 -15.53 -6.53
CA PHE C 49 -20.97 -15.39 -5.32
C PHE C 49 -19.95 -14.28 -5.51
N GLN C 50 -19.59 -13.61 -4.42
CA GLN C 50 -18.51 -12.64 -4.48
C GLN C 50 -17.23 -13.42 -4.29
N GLN C 51 -16.35 -13.39 -5.28
CA GLN C 51 -15.10 -14.11 -5.18
C GLN C 51 -14.09 -13.23 -4.44
N ILE C 52 -13.42 -13.79 -3.44
CA ILE C 52 -12.48 -13.01 -2.62
C ILE C 52 -11.04 -13.39 -2.83
N ASP C 53 -10.80 -14.59 -3.37
CA ASP C 53 -9.45 -14.97 -3.69
C ASP C 53 -9.45 -16.09 -4.70
N ALA C 54 -8.31 -16.27 -5.36
CA ALA C 54 -8.22 -17.26 -6.42
C ALA C 54 -6.80 -17.74 -6.46
N GLU C 55 -6.60 -19.00 -6.85
CA GLU C 55 -5.26 -19.52 -6.97
C GLU C 55 -5.23 -20.60 -8.03
N GLN C 56 -4.07 -20.73 -8.65
CA GLN C 56 -3.82 -21.78 -9.62
C GLN C 56 -3.77 -23.16 -8.95
N SER C 57 -4.38 -24.15 -9.58
CA SER C 57 -4.30 -25.51 -9.04
C SER C 57 -4.54 -26.54 -10.14
N VAL C 58 -4.26 -27.80 -9.84
CA VAL C 58 -4.48 -28.85 -10.81
C VAL C 58 -5.70 -29.64 -10.37
N LEU C 59 -6.62 -29.85 -11.29
CA LEU C 59 -7.87 -30.55 -10.96
C LEU C 59 -7.76 -32.03 -11.30
N ASN C 60 -8.07 -32.87 -10.32
CA ASN C 60 -8.10 -34.30 -10.55
C ASN C 60 -9.26 -34.64 -11.48
N GLY C 61 -9.03 -35.56 -12.42
CA GLY C 61 -10.12 -35.98 -13.31
C GLY C 61 -10.02 -35.39 -14.70
N ILE C 62 -11.02 -35.67 -15.53
CA ILE C 62 -11.05 -35.20 -16.92
C ILE C 62 -10.40 -33.80 -17.15
N LYS C 63 -9.73 -33.65 -18.29
CA LYS C 63 -9.22 -32.38 -18.76
C LYS C 63 -10.31 -31.55 -19.44
N ASP C 64 -10.08 -30.24 -19.56
CA ASP C 64 -10.99 -29.38 -20.30
C ASP C 64 -10.16 -28.53 -21.29
N GLU C 65 -10.53 -28.55 -22.57
CA GLU C 65 -9.76 -27.86 -23.60
C GLU C 65 -8.27 -28.23 -23.48
N ASN C 66 -8.02 -29.52 -23.21
CA ASN C 66 -6.66 -30.06 -23.18
C ASN C 66 -5.80 -29.54 -22.02
N THR C 67 -6.41 -29.12 -20.93
CA THR C 67 -5.62 -28.75 -19.76
C THR C 67 -6.33 -29.22 -18.49
N SER C 68 -5.55 -29.65 -17.50
CA SER C 68 -6.09 -30.08 -16.21
C SER C 68 -5.85 -29.01 -15.14
N THR C 69 -5.27 -27.88 -15.55
CA THR C 69 -5.00 -26.81 -14.60
C THR C 69 -6.17 -25.82 -14.55
N VAL C 70 -6.48 -25.33 -13.36
CA VAL C 70 -7.62 -24.46 -13.18
C VAL C 70 -7.23 -23.25 -12.36
N VAL C 71 -8.09 -22.25 -12.34
CA VAL C 71 -8.03 -21.24 -11.30
C VAL C 71 -9.18 -21.54 -10.33
N ARG C 72 -8.83 -21.75 -9.08
CA ARG C 72 -9.83 -22.02 -8.07
C ARG C 72 -10.20 -20.70 -7.44
N PHE C 73 -11.46 -20.28 -7.61
CA PHE C 73 -11.97 -19.07 -6.94
C PHE C 73 -12.77 -19.46 -5.70
N PHE C 74 -12.56 -18.73 -4.62
CA PHE C 74 -13.32 -18.99 -3.41
C PHE C 74 -14.16 -17.76 -3.09
N GLY C 75 -15.33 -17.95 -2.50
CA GLY C 75 -16.15 -16.83 -2.10
C GLY C 75 -17.46 -17.19 -1.44
N VAL C 76 -18.40 -16.24 -1.48
CA VAL C 76 -19.62 -16.34 -0.68
C VAL C 76 -20.82 -15.80 -1.45
N THR C 77 -21.95 -16.51 -1.35
CA THR C 77 -23.18 -16.10 -2.01
C THR C 77 -23.89 -15.04 -1.14
N SER C 78 -24.92 -14.42 -1.70
CA SER C 78 -25.65 -13.40 -0.93
C SER C 78 -26.32 -14.01 0.31
N GLU C 79 -26.63 -15.30 0.28
CA GLU C 79 -27.23 -15.98 1.44
C GLU C 79 -26.21 -16.52 2.44
N GLY C 80 -24.92 -16.32 2.17
CA GLY C 80 -23.88 -16.79 3.10
C GLY C 80 -23.40 -18.23 2.92
N HIS C 81 -23.49 -18.74 1.69
CA HIS C 81 -22.91 -20.05 1.37
C HIS C 81 -21.52 -19.92 0.79
N SER C 82 -20.60 -20.76 1.24
CA SER C 82 -19.22 -20.72 0.75
C SER C 82 -19.08 -21.55 -0.52
N VAL C 83 -18.22 -21.08 -1.40
CA VAL C 83 -18.10 -21.64 -2.73
C VAL C 83 -16.63 -21.83 -3.10
N LEU C 84 -16.32 -23.03 -3.61
CA LEU C 84 -15.08 -23.23 -4.37
C LEU C 84 -15.53 -23.46 -5.80
N CYS C 85 -15.11 -22.58 -6.70
CA CYS C 85 -15.46 -22.74 -8.12
C CYS C 85 -14.19 -22.93 -8.92
N ASN C 86 -14.01 -24.13 -9.48
CA ASN C 86 -12.90 -24.41 -10.36
C ASN C 86 -13.19 -23.87 -11.75
N VAL C 87 -12.37 -22.94 -12.23
CA VAL C 87 -12.57 -22.45 -13.58
C VAL C 87 -11.64 -23.21 -14.51
N THR C 88 -12.24 -24.03 -15.38
CA THR C 88 -11.51 -24.98 -16.18
C THR C 88 -11.38 -24.52 -17.62
N GLY C 89 -10.49 -25.19 -18.34
CA GLY C 89 -10.37 -25.03 -19.79
C GLY C 89 -9.61 -23.81 -20.23
N PHE C 90 -8.99 -23.08 -19.29
CA PHE C 90 -8.25 -21.85 -19.63
C PHE C 90 -6.74 -22.12 -19.66
N LYS C 91 -6.22 -22.24 -20.87
CA LYS C 91 -4.79 -22.44 -21.10
C LYS C 91 -4.01 -21.12 -21.05
N ASN C 92 -2.90 -21.12 -20.30
CA ASN C 92 -1.98 -20.00 -20.30
C ASN C 92 -1.39 -19.86 -21.71
N TYR C 93 -0.85 -18.70 -22.03
CA TYR C 93 -0.22 -18.48 -23.35
C TYR C 93 0.81 -17.35 -23.29
N LEU C 94 1.64 -17.28 -24.32
CA LEU C 94 2.46 -16.10 -24.54
C LEU C 94 2.33 -15.65 -26.01
N TYR C 95 2.66 -14.41 -26.27
CA TYR C 95 2.68 -13.93 -27.64
C TYR C 95 4.12 -13.68 -28.08
N VAL C 96 4.45 -14.10 -29.29
CA VAL C 96 5.67 -13.64 -29.94
C VAL C 96 5.26 -13.13 -31.32
N PRO C 97 6.03 -12.19 -31.89
CA PRO C 97 5.70 -11.75 -33.26
C PRO C 97 5.91 -12.89 -34.25
N ALA C 98 5.01 -13.03 -35.23
CA ALA C 98 5.20 -14.03 -36.28
C ALA C 98 6.49 -13.78 -37.03
N PRO C 99 7.19 -14.85 -37.42
CA PRO C 99 8.49 -14.67 -38.08
C PRO C 99 8.39 -13.92 -39.41
N ASN C 100 9.42 -13.15 -39.75
CA ASN C 100 9.49 -12.47 -41.03
C ASN C 100 10.10 -13.39 -42.08
N SER C 101 9.33 -14.40 -42.47
CA SER C 101 9.81 -15.50 -43.28
C SER C 101 8.69 -16.00 -44.16
N SER C 102 9.01 -16.41 -45.39
CA SER C 102 8.00 -16.74 -46.39
C SER C 102 7.13 -17.93 -45.97
N ASP C 103 7.71 -18.84 -45.19
CA ASP C 103 7.01 -20.06 -44.79
C ASP C 103 6.20 -19.84 -43.51
N ALA C 104 6.16 -18.60 -43.03
CA ALA C 104 5.47 -18.28 -41.78
C ALA C 104 3.95 -18.53 -41.82
N ASN C 105 3.38 -18.52 -43.02
CA ASN C 105 1.94 -18.72 -43.11
C ASN C 105 1.55 -20.13 -43.52
N ASP C 106 2.55 -20.94 -43.83
CA ASP C 106 2.34 -22.37 -44.14
C ASP C 106 1.92 -23.12 -42.86
N GLN C 107 0.67 -23.56 -42.82
CA GLN C 107 0.14 -24.24 -41.64
C GLN C 107 0.92 -25.50 -41.29
N GLU C 108 1.32 -26.26 -42.32
CA GLU C 108 2.08 -27.47 -42.12
C GLU C 108 3.33 -27.17 -41.29
N GLN C 109 3.98 -26.05 -41.61
CA GLN C 109 5.21 -25.67 -40.95
C GLN C 109 4.98 -25.22 -39.51
N ILE C 110 3.87 -24.50 -39.28
CA ILE C 110 3.49 -24.11 -37.93
C ILE C 110 3.23 -25.34 -37.08
N ASN C 111 2.56 -26.33 -37.68
CA ASN C 111 2.30 -27.60 -37.02
C ASN C 111 3.60 -28.31 -36.66
N LYS C 112 4.56 -28.28 -37.57
CA LYS C 112 5.86 -28.88 -37.32
C LYS C 112 6.62 -28.13 -36.22
N PHE C 113 6.47 -26.80 -36.18
CA PHE C 113 7.14 -26.02 -35.16
C PHE C 113 6.57 -26.39 -33.80
N VAL C 114 5.25 -26.54 -33.74
CA VAL C 114 4.59 -27.00 -32.52
C VAL C 114 5.12 -28.37 -32.02
N HIS C 115 5.34 -29.29 -32.96
CA HIS C 115 5.94 -30.58 -32.64
C HIS C 115 7.35 -30.41 -32.07
N TYR C 116 8.14 -29.58 -32.74
CA TYR C 116 9.46 -29.19 -32.27
C TYR C 116 9.44 -28.61 -30.85
N LEU C 117 8.48 -27.74 -30.54
CA LEU C 117 8.38 -27.19 -29.18
C LEU C 117 7.94 -28.25 -28.18
N ASN C 118 7.03 -29.14 -28.59
CA ASN C 118 6.62 -30.22 -27.70
C ASN C 118 7.74 -31.19 -27.34
N GLU C 119 8.67 -31.37 -28.28
CA GLU C 119 9.85 -32.17 -28.03
C GLU C 119 10.75 -31.53 -27.00
N THR C 120 10.58 -30.23 -26.77
CA THR C 120 11.57 -29.46 -26.05
C THR C 120 11.02 -29.09 -24.69
N PHE C 121 9.71 -28.99 -24.62
CA PHE C 121 9.08 -28.50 -23.40
C PHE C 121 8.08 -29.50 -22.82
N ASP C 122 8.51 -30.74 -22.61
CA ASP C 122 7.70 -31.73 -21.88
C ASP C 122 6.29 -31.90 -22.47
N HIS C 123 6.17 -31.82 -23.79
CA HIS C 123 4.91 -32.08 -24.50
C HIS C 123 3.78 -31.21 -23.98
N ALA C 124 4.10 -29.98 -23.63
CA ALA C 124 3.13 -29.10 -23.00
C ALA C 124 2.69 -27.92 -23.88
N ILE C 125 2.97 -27.97 -25.18
CA ILE C 125 2.51 -26.90 -26.06
C ILE C 125 1.25 -27.35 -26.80
N ASP C 126 0.14 -26.66 -26.57
CA ASP C 126 -1.14 -27.05 -27.16
C ASP C 126 -1.25 -26.73 -28.65
N SER C 127 -1.02 -25.47 -28.99
CA SER C 127 -1.28 -25.00 -30.34
C SER C 127 -0.77 -23.57 -30.50
N ILE C 128 -0.74 -23.10 -31.73
CA ILE C 128 -0.41 -21.71 -32.00
C ILE C 128 -1.55 -21.08 -32.78
N GLU C 129 -2.04 -19.94 -32.30
CA GLU C 129 -3.13 -19.23 -33.00
C GLU C 129 -2.54 -17.95 -33.59
N VAL C 130 -2.83 -17.65 -34.85
CA VAL C 130 -2.34 -16.41 -35.44
C VAL C 130 -3.30 -15.25 -35.11
N VAL C 131 -2.78 -14.19 -34.50
CA VAL C 131 -3.62 -13.04 -34.15
C VAL C 131 -3.00 -11.71 -34.64
N SER C 132 -3.83 -10.68 -34.77
CA SER C 132 -3.34 -9.35 -35.10
C SER C 132 -3.25 -8.51 -33.85
N LYS C 133 -2.05 -8.04 -33.52
CA LYS C 133 -1.86 -7.18 -32.35
C LYS C 133 -0.92 -6.04 -32.70
N GLN C 134 -0.80 -5.06 -31.79
CA GLN C 134 0.26 -4.07 -31.84
C GLN C 134 0.95 -4.00 -30.48
N SER C 135 2.25 -3.68 -30.48
CA SER C 135 2.97 -3.49 -29.26
C SER C 135 2.50 -2.20 -28.61
N ILE C 136 2.52 -2.19 -27.29
CA ILE C 136 2.13 -1.01 -26.55
C ILE C 136 3.20 0.08 -26.73
N TRP C 137 4.37 -0.30 -27.25
CA TRP C 137 5.47 0.62 -27.28
C TRP C 137 5.48 1.56 -28.47
N GLY C 138 4.84 2.71 -28.33
CA GLY C 138 4.95 3.77 -29.33
C GLY C 138 3.85 3.83 -30.38
N TYR C 139 3.81 4.95 -31.08
CA TYR C 139 2.89 5.15 -32.18
C TYR C 139 3.69 5.02 -33.47
N SER C 140 3.34 4.03 -34.29
CA SER C 140 3.96 3.86 -35.60
C SER C 140 2.89 4.01 -36.66
N GLY C 141 1.66 4.17 -36.19
CA GLY C 141 0.48 4.18 -37.06
C GLY C 141 -0.51 3.19 -36.47
N ASP C 142 -1.68 3.05 -37.10
CA ASP C 142 -2.72 2.17 -36.55
C ASP C 142 -2.68 0.75 -37.12
N THR C 143 -1.62 0.43 -37.83
CA THR C 143 -1.52 -0.85 -38.54
C THR C 143 -1.01 -1.98 -37.63
N LYS C 144 -1.84 -2.99 -37.42
CA LYS C 144 -1.49 -4.09 -36.54
C LYS C 144 -0.73 -5.19 -37.28
N LEU C 145 -0.05 -6.05 -36.53
CA LEU C 145 0.84 -7.04 -37.10
C LEU C 145 0.50 -8.46 -36.66
N PRO C 146 0.99 -9.46 -37.39
CA PRO C 146 0.74 -10.84 -37.02
C PRO C 146 1.55 -11.25 -35.81
N PHE C 147 0.86 -11.74 -34.79
CA PHE C 147 1.53 -12.35 -33.66
C PHE C 147 1.07 -13.80 -33.52
N TRP C 148 1.94 -14.60 -32.91
CA TRP C 148 1.66 -15.99 -32.62
C TRP C 148 1.33 -16.15 -31.14
N LYS C 149 0.09 -16.54 -30.88
CA LYS C 149 -0.38 -16.84 -29.54
C LYS C 149 -0.16 -18.32 -29.30
N ILE C 150 0.75 -18.63 -28.38
CA ILE C 150 1.18 -19.99 -28.15
C ILE C 150 0.63 -20.47 -26.81
N TYR C 151 -0.29 -21.45 -26.89
CA TYR C 151 -0.97 -21.97 -25.71
C TYR C 151 -0.24 -23.15 -25.10
N VAL C 152 -0.23 -23.22 -23.77
CA VAL C 152 0.38 -24.37 -23.08
C VAL C 152 -0.64 -25.12 -22.24
N THR C 153 -0.37 -26.40 -21.99
CA THR C 153 -1.29 -27.29 -21.25
C THR C 153 -1.11 -27.15 -19.75
N TYR C 154 0.06 -26.69 -19.33
CA TYR C 154 0.19 -26.21 -17.94
C TYR C 154 0.96 -24.90 -17.84
N PRO C 155 0.44 -23.97 -17.03
CA PRO C 155 0.83 -22.56 -17.08
C PRO C 155 2.32 -22.28 -16.91
N HIS C 156 2.99 -22.97 -16.00
CA HIS C 156 4.38 -22.70 -15.69
C HIS C 156 5.31 -22.86 -16.89
N MET C 157 4.93 -23.68 -17.86
CA MET C 157 5.78 -23.88 -19.03
C MET C 157 5.91 -22.62 -19.89
N VAL C 158 5.02 -21.65 -19.69
CA VAL C 158 5.13 -20.37 -20.38
C VAL C 158 6.45 -19.68 -20.04
N ASN C 159 6.83 -19.73 -18.77
CA ASN C 159 8.09 -19.13 -18.31
C ASN C 159 9.29 -19.72 -19.05
N LYS C 160 9.32 -21.04 -19.17
CA LYS C 160 10.45 -21.71 -19.82
C LYS C 160 10.46 -21.39 -21.32
N LEU C 161 9.28 -21.36 -21.92
CA LEU C 161 9.12 -20.98 -23.32
C LEU C 161 9.63 -19.55 -23.54
N ARG C 162 9.17 -18.64 -22.68
CA ARG C 162 9.61 -17.25 -22.75
C ARG C 162 11.13 -17.17 -22.72
N THR C 163 11.75 -17.88 -21.78
CA THR C 163 13.20 -17.89 -21.66
C THR C 163 13.87 -18.43 -22.94
N ALA C 164 13.32 -19.48 -23.52
CA ALA C 164 13.90 -20.07 -24.72
C ALA C 164 13.86 -19.09 -25.90
N PHE C 165 12.71 -18.45 -26.08
CA PHE C 165 12.58 -17.43 -27.13
C PHE C 165 13.55 -16.29 -26.93
N GLU C 166 13.78 -15.93 -25.68
CA GLU C 166 14.62 -14.77 -25.37
C GLU C 166 16.11 -15.08 -25.39
N ARG C 167 16.53 -16.20 -24.81
CA ARG C 167 17.94 -16.53 -24.77
C ARG C 167 18.25 -18.02 -25.05
N GLY C 168 17.26 -18.77 -25.52
CA GLY C 168 17.48 -20.16 -25.88
C GLY C 168 17.90 -20.26 -27.33
N HIS C 169 17.77 -21.44 -27.92
CA HIS C 169 18.13 -21.59 -29.32
C HIS C 169 17.06 -22.39 -30.01
N LEU C 170 15.91 -21.76 -30.21
CA LEU C 170 14.82 -22.36 -30.94
C LEU C 170 15.04 -22.12 -32.43
N SER C 171 15.78 -23.00 -33.08
CA SER C 171 16.32 -22.72 -34.41
C SER C 171 15.50 -23.30 -35.55
N PHE C 172 14.32 -23.78 -35.23
CA PHE C 172 13.44 -24.35 -36.26
C PHE C 172 13.20 -23.34 -37.37
N ASN C 173 13.55 -23.72 -38.60
CA ASN C 173 13.35 -22.89 -39.79
C ASN C 173 14.06 -21.54 -39.76
N SER C 174 15.05 -21.37 -38.90
CA SER C 174 15.69 -20.07 -38.71
C SER C 174 14.63 -19.02 -38.45
N TRP C 175 13.65 -19.35 -37.62
CA TRP C 175 12.55 -18.43 -37.35
C TRP C 175 12.85 -17.54 -36.16
N PHE C 176 13.46 -18.11 -35.12
CA PHE C 176 13.68 -17.38 -33.88
C PHE C 176 15.09 -17.55 -33.38
N SER C 177 15.86 -18.33 -34.11
CA SER C 177 17.30 -18.31 -33.94
C SER C 177 17.76 -17.10 -34.74
N ASN C 178 17.96 -15.99 -34.05
CA ASN C 178 17.89 -15.97 -32.60
C ASN C 178 18.29 -14.59 -32.07
N GLY C 179 17.52 -14.01 -31.15
CA GLY C 179 16.26 -14.55 -30.63
C GLY C 179 15.15 -13.50 -30.75
N THR C 180 14.25 -13.42 -29.77
CA THR C 180 13.13 -12.50 -29.93
C THR C 180 12.52 -11.92 -28.66
N THR C 181 11.91 -10.75 -28.82
CA THR C 181 11.09 -10.15 -27.76
C THR C 181 9.80 -10.95 -27.59
N THR C 182 9.43 -11.23 -26.34
CA THR C 182 8.15 -11.86 -26.04
C THR C 182 7.20 -10.85 -25.36
N TYR C 183 5.92 -11.17 -25.32
CA TYR C 183 4.92 -10.20 -24.88
C TYR C 183 3.95 -10.77 -23.87
N ASP C 184 3.40 -9.88 -23.03
CA ASP C 184 2.34 -10.19 -22.07
C ASP C 184 2.76 -11.16 -20.98
N ASN C 185 3.88 -10.85 -20.33
CA ASN C 185 4.34 -11.62 -19.17
C ASN C 185 3.52 -11.24 -17.94
N ILE C 186 2.76 -12.21 -17.42
CA ILE C 186 1.88 -11.98 -16.26
C ILE C 186 1.53 -13.35 -15.68
N ALA C 187 1.39 -13.43 -14.36
CA ALA C 187 1.05 -14.70 -13.70
C ALA C 187 -0.29 -15.23 -14.21
N TYR C 188 -0.38 -16.56 -14.32
CA TYR C 188 -1.55 -17.25 -14.84
C TYR C 188 -2.87 -16.82 -14.22
N THR C 189 -2.97 -16.80 -12.91
CA THR C 189 -4.23 -16.38 -12.31
C THR C 189 -4.71 -15.00 -12.76
N LEU C 190 -3.78 -14.03 -12.78
CA LEU C 190 -4.12 -12.68 -13.20
C LEU C 190 -4.42 -12.64 -14.70
N ARG C 191 -3.76 -13.50 -15.48
CA ARG C 191 -4.03 -13.60 -16.92
C ARG C 191 -5.51 -13.95 -17.13
N LEU C 192 -5.99 -14.91 -16.34
CA LEU C 192 -7.39 -15.35 -16.48
C LEU C 192 -8.36 -14.25 -16.05
N MET C 193 -8.08 -13.62 -14.92
CA MET C 193 -8.90 -12.51 -14.40
C MET C 193 -9.00 -11.38 -15.41
N VAL C 194 -7.85 -11.01 -15.99
CA VAL C 194 -7.85 -9.98 -17.02
C VAL C 194 -8.71 -10.40 -18.22
N ASP C 195 -8.48 -11.60 -18.74
CA ASP C 195 -9.16 -12.02 -19.97
C ASP C 195 -10.65 -12.23 -19.76
N CYS C 196 -11.05 -12.56 -18.53
CA CYS C 196 -12.46 -12.80 -18.23
C CYS C 196 -13.19 -11.56 -17.69
N GLY C 197 -12.47 -10.47 -17.46
CA GLY C 197 -13.07 -9.25 -16.92
C GLY C 197 -13.39 -9.35 -15.42
N ILE C 198 -12.59 -10.12 -14.68
CA ILE C 198 -12.80 -10.30 -13.25
C ILE C 198 -11.85 -9.40 -12.47
N VAL C 199 -12.40 -8.53 -11.62
CA VAL C 199 -11.57 -7.68 -10.79
C VAL C 199 -11.54 -8.28 -9.39
N GLY C 200 -10.83 -7.66 -8.46
CA GLY C 200 -10.79 -8.19 -7.09
C GLY C 200 -12.15 -8.00 -6.43
N MET C 201 -12.54 -8.96 -5.58
CA MET C 201 -13.75 -8.81 -4.76
C MET C 201 -14.99 -8.60 -5.60
N SER C 202 -15.04 -9.28 -6.74
CA SER C 202 -16.11 -9.09 -7.69
C SER C 202 -17.09 -10.26 -7.67
N TRP C 203 -18.23 -10.07 -8.33
CA TRP C 203 -19.24 -11.11 -8.35
C TRP C 203 -19.16 -11.90 -9.64
N ILE C 204 -19.36 -13.20 -9.51
CA ILE C 204 -19.39 -14.09 -10.65
C ILE C 204 -20.69 -14.88 -10.52
N THR C 205 -21.37 -15.07 -11.65
CA THR C 205 -22.51 -15.96 -11.70
C THR C 205 -22.19 -17.22 -12.49
N LEU C 206 -22.53 -18.36 -11.90
CA LEU C 206 -22.47 -19.65 -12.59
C LEU C 206 -23.89 -20.01 -12.95
N PRO C 207 -24.23 -19.91 -14.25
CA PRO C 207 -25.61 -20.18 -14.69
C PRO C 207 -25.97 -21.64 -14.46
N LYS C 208 -27.22 -21.88 -14.04
CA LYS C 208 -27.71 -23.24 -13.86
C LYS C 208 -27.55 -24.00 -15.16
N GLY C 209 -27.16 -25.27 -15.05
CA GLY C 209 -26.93 -26.10 -16.22
C GLY C 209 -25.53 -25.95 -16.82
N LYS C 210 -24.80 -24.93 -16.39
CA LYS C 210 -23.51 -24.62 -17.02
C LYS C 210 -22.31 -25.04 -16.19
N TYR C 211 -22.53 -25.44 -14.95
CA TYR C 211 -21.46 -25.91 -14.10
C TYR C 211 -21.81 -27.31 -13.59
N SER C 212 -20.85 -27.97 -12.96
CA SER C 212 -21.13 -29.27 -12.41
C SER C 212 -20.55 -29.36 -11.00
N MET C 213 -21.09 -30.28 -10.21
CA MET C 213 -20.63 -30.50 -8.85
C MET C 213 -19.41 -31.40 -8.88
N ILE C 214 -18.46 -31.13 -8.00
CA ILE C 214 -17.40 -32.09 -7.73
C ILE C 214 -18.03 -33.24 -6.95
N GLU C 215 -17.77 -34.48 -7.38
CA GLU C 215 -18.29 -35.67 -6.72
C GLU C 215 -17.74 -35.79 -5.30
N PRO C 216 -18.54 -36.36 -4.40
CA PRO C 216 -18.21 -36.40 -2.98
C PRO C 216 -16.80 -36.90 -2.72
N ASN C 217 -16.37 -37.92 -3.44
CA ASN C 217 -15.07 -38.54 -3.19
C ASN C 217 -13.92 -37.83 -3.88
N ASN C 218 -14.24 -36.76 -4.60
CA ASN C 218 -13.23 -35.98 -5.28
C ASN C 218 -13.10 -34.58 -4.68
N ARG C 219 -13.96 -34.26 -3.73
CA ARG C 219 -13.91 -32.99 -3.00
C ARG C 219 -12.57 -32.72 -2.35
N VAL C 220 -12.07 -31.49 -2.48
CA VAL C 220 -10.82 -31.14 -1.85
C VAL C 220 -10.96 -29.99 -0.86
N SER C 221 -12.17 -29.41 -0.77
CA SER C 221 -12.36 -28.24 0.08
C SER C 221 -13.42 -28.48 1.14
N SER C 222 -13.56 -27.53 2.04
CA SER C 222 -14.64 -27.57 3.02
C SER C 222 -15.70 -26.52 2.70
N CYS C 223 -15.76 -26.09 1.45
CA CYS C 223 -16.80 -25.11 1.09
C CYS C 223 -18.10 -25.86 0.88
N GLN C 224 -19.21 -25.22 1.20
CA GLN C 224 -20.50 -25.85 1.02
C GLN C 224 -20.71 -26.29 -0.43
N LEU C 225 -20.32 -25.43 -1.37
CA LEU C 225 -20.53 -25.71 -2.79
C LEU C 225 -19.17 -25.82 -3.46
N GLU C 226 -18.87 -27.00 -3.99
CA GLU C 226 -17.62 -27.24 -4.71
C GLU C 226 -17.98 -27.65 -6.12
N VAL C 227 -17.65 -26.77 -7.08
CA VAL C 227 -18.16 -26.88 -8.45
C VAL C 227 -17.09 -26.61 -9.48
N SER C 228 -17.42 -26.88 -10.74
CA SER C 228 -16.49 -26.64 -11.86
C SER C 228 -17.23 -25.99 -13.02
N ILE C 229 -16.62 -24.98 -13.63
CA ILE C 229 -17.23 -24.37 -14.82
C ILE C 229 -16.14 -24.11 -15.86
N ASN C 230 -16.45 -24.27 -17.15
CA ASN C 230 -15.55 -23.82 -18.20
C ASN C 230 -15.52 -22.27 -18.23
N TYR C 231 -14.34 -21.69 -18.39
CA TYR C 231 -14.21 -20.23 -18.28
C TYR C 231 -15.15 -19.45 -19.19
N ARG C 232 -15.55 -20.04 -20.31
CA ARG C 232 -16.40 -19.33 -21.26
C ARG C 232 -17.85 -19.21 -20.78
N ASN C 233 -18.21 -19.96 -19.74
CA ASN C 233 -19.61 -20.07 -19.31
C ASN C 233 -19.94 -19.28 -18.04
N LEU C 234 -18.92 -18.88 -17.30
CA LEU C 234 -19.10 -17.99 -16.14
C LEU C 234 -19.45 -16.57 -16.59
N ILE C 235 -20.20 -15.85 -15.75
CA ILE C 235 -20.54 -14.45 -16.01
C ILE C 235 -19.80 -13.61 -14.98
N ALA C 236 -18.89 -12.78 -15.45
CA ALA C 236 -18.11 -11.92 -14.56
C ALA C 236 -18.76 -10.54 -14.54
N HIS C 237 -19.39 -10.19 -13.42
CA HIS C 237 -20.11 -8.91 -13.33
C HIS C 237 -19.16 -7.72 -13.03
N PRO C 238 -19.24 -6.65 -13.84
CA PRO C 238 -18.50 -5.46 -13.41
C PRO C 238 -19.00 -5.01 -12.03
N ALA C 239 -18.10 -4.49 -11.20
CA ALA C 239 -18.50 -4.09 -9.87
C ALA C 239 -19.23 -2.75 -9.93
N GLU C 240 -20.48 -2.79 -10.37
CA GLU C 240 -21.27 -1.61 -10.64
C GLU C 240 -22.72 -1.92 -10.36
N GLY C 241 -23.49 -0.90 -10.01
CA GLY C 241 -24.93 -1.06 -9.84
C GLY C 241 -25.31 -2.22 -8.95
N ASP C 242 -26.18 -3.07 -9.48
CA ASP C 242 -26.67 -4.22 -8.71
C ASP C 242 -25.57 -5.24 -8.38
N TRP C 243 -24.41 -5.14 -9.04
CA TRP C 243 -23.30 -6.05 -8.73
C TRP C 243 -22.14 -5.36 -8.00
N SER C 244 -22.42 -4.23 -7.34
CA SER C 244 -21.41 -3.57 -6.54
C SER C 244 -21.62 -3.82 -5.05
N HIS C 245 -22.67 -4.56 -4.69
CA HIS C 245 -22.88 -4.94 -3.30
CA HIS C 245 -22.88 -4.93 -3.29
C HIS C 245 -21.79 -5.92 -2.88
N THR C 246 -21.76 -6.28 -1.60
CA THR C 246 -20.77 -7.22 -1.10
C THR C 246 -21.46 -8.33 -0.34
N ALA C 247 -20.83 -9.51 -0.31
CA ALA C 247 -21.44 -10.66 0.32
C ALA C 247 -21.23 -10.58 1.83
N PRO C 248 -22.07 -11.30 2.59
CA PRO C 248 -22.01 -11.27 4.05
C PRO C 248 -20.80 -12.06 4.57
N LEU C 249 -19.61 -11.55 4.30
CA LEU C 249 -18.39 -12.29 4.68
C LEU C 249 -18.31 -12.55 6.18
N ARG C 250 -17.81 -13.72 6.55
CA ARG C 250 -17.58 -14.07 7.94
C ARG C 250 -16.18 -13.63 8.31
N ILE C 251 -16.09 -12.75 9.30
CA ILE C 251 -14.83 -12.17 9.69
C ILE C 251 -14.41 -12.73 11.03
N MET C 252 -13.25 -13.36 11.07
CA MET C 252 -12.75 -13.92 12.33
C MET C 252 -11.52 -13.16 12.80
N SER C 253 -11.60 -12.64 14.01
CA SER C 253 -10.48 -11.95 14.59
C SER C 253 -10.01 -12.78 15.77
N PHE C 254 -8.70 -12.94 15.91
CA PHE C 254 -8.20 -13.73 17.04
C PHE C 254 -6.90 -13.16 17.59
N ASP C 255 -6.53 -13.61 18.78
CA ASP C 255 -5.31 -13.19 19.45
C ASP C 255 -4.90 -14.35 20.35
N ILE C 256 -3.60 -14.64 20.41
CA ILE C 256 -3.12 -15.67 21.31
C ILE C 256 -2.34 -15.07 22.46
N GLU C 257 -2.31 -15.81 23.56
CA GLU C 257 -1.46 -15.49 24.68
C GLU C 257 -0.47 -16.63 24.88
N CYS C 258 0.77 -16.30 25.24
CA CYS C 258 1.77 -17.31 25.54
C CYS C 258 2.36 -17.12 26.96
N ALA C 259 2.65 -18.22 27.63
CA ALA C 259 3.31 -18.14 28.93
C ALA C 259 4.80 -18.37 28.70
N GLY C 260 5.57 -17.28 28.67
CA GLY C 260 6.99 -17.34 28.36
C GLY C 260 7.91 -17.05 29.54
N ARG C 261 9.21 -17.07 29.30
CA ARG C 261 10.19 -16.92 30.37
C ARG C 261 10.54 -15.47 30.65
N ILE C 262 10.85 -15.17 31.91
CA ILE C 262 11.26 -13.83 32.28
C ILE C 262 12.46 -13.41 31.45
N GLY C 263 12.32 -12.32 30.71
CA GLY C 263 13.43 -11.78 29.92
C GLY C 263 13.51 -12.25 28.49
N VAL C 264 12.66 -13.21 28.12
CA VAL C 264 12.74 -13.77 26.77
C VAL C 264 11.40 -13.68 26.04
N PHE C 265 11.38 -12.99 24.91
CA PHE C 265 10.19 -13.01 24.09
C PHE C 265 9.89 -14.46 23.74
N PRO C 266 8.61 -14.86 23.87
CA PRO C 266 8.24 -16.26 23.78
C PRO C 266 8.80 -16.89 22.52
N GLU C 267 9.30 -18.12 22.65
CA GLU C 267 9.81 -18.88 21.52
C GLU C 267 9.02 -20.17 21.42
N PRO C 268 8.53 -20.48 20.20
CA PRO C 268 7.64 -21.62 19.94
C PRO C 268 8.23 -22.96 20.36
N GLU C 269 9.55 -23.07 20.33
CA GLU C 269 10.25 -24.29 20.76
C GLU C 269 10.08 -24.56 22.25
N TYR C 270 9.78 -23.53 23.05
CA TYR C 270 9.80 -23.72 24.49
C TYR C 270 8.59 -23.22 25.25
N ASP C 271 7.98 -22.15 24.75
CA ASP C 271 6.94 -21.44 25.49
C ASP C 271 5.55 -21.76 24.96
N PRO C 272 4.68 -22.23 25.85
CA PRO C 272 3.35 -22.65 25.44
C PRO C 272 2.44 -21.49 25.02
N VAL C 273 1.55 -21.77 24.07
CA VAL C 273 0.38 -20.95 23.83
C VAL C 273 -0.62 -21.36 24.91
N ILE C 274 -1.16 -20.42 25.68
CA ILE C 274 -2.07 -20.81 26.76
C ILE C 274 -3.50 -20.27 26.60
N GLN C 275 -3.70 -19.35 25.66
CA GLN C 275 -5.05 -18.92 25.33
C GLN C 275 -5.17 -18.48 23.88
N ILE C 276 -6.32 -18.77 23.28
CA ILE C 276 -6.66 -18.22 21.98
C ILE C 276 -8.09 -17.71 22.06
N ALA C 277 -8.25 -16.40 21.92
CA ALA C 277 -9.56 -15.78 21.94
C ALA C 277 -10.00 -15.51 20.52
N ASN C 278 -11.30 -15.66 20.27
CA ASN C 278 -11.84 -15.51 18.93
C ASN C 278 -13.13 -14.74 18.96
N VAL C 279 -13.34 -13.93 17.95
CA VAL C 279 -14.60 -13.27 17.77
C VAL C 279 -14.92 -13.42 16.30
N VAL C 280 -16.16 -13.71 15.98
CA VAL C 280 -16.55 -13.84 14.58
C VAL C 280 -17.79 -13.00 14.36
N SER C 281 -17.78 -12.24 13.25
CA SER C 281 -18.92 -11.42 12.89
C SER C 281 -19.11 -11.43 11.38
N ILE C 282 -20.28 -10.98 10.95
CA ILE C 282 -20.52 -10.74 9.54
C ILE C 282 -20.07 -9.32 9.18
N ALA C 283 -19.31 -9.20 8.10
CA ALA C 283 -18.91 -7.89 7.61
C ALA C 283 -20.01 -6.84 7.82
N GLY C 284 -19.65 -5.78 8.53
CA GLY C 284 -20.55 -4.64 8.69
C GLY C 284 -21.56 -4.81 9.80
N ALA C 285 -21.55 -5.94 10.49
CA ALA C 285 -22.54 -6.17 11.55
C ALA C 285 -22.27 -5.27 12.76
N LYS C 286 -23.32 -4.97 13.52
CA LYS C 286 -23.16 -4.19 14.75
C LYS C 286 -22.34 -4.96 15.78
N LYS C 287 -22.62 -6.26 15.91
CA LYS C 287 -21.97 -7.08 16.93
C LYS C 287 -21.56 -8.44 16.36
N PRO C 288 -20.51 -9.04 16.92
CA PRO C 288 -20.10 -10.36 16.46
C PRO C 288 -21.11 -11.43 16.91
N PHE C 289 -21.23 -12.49 16.13
CA PHE C 289 -22.14 -13.58 16.48
C PHE C 289 -21.42 -14.70 17.25
N ILE C 290 -20.09 -14.71 17.23
CA ILE C 290 -19.31 -15.62 18.10
C ILE C 290 -18.31 -14.88 18.97
N ARG C 291 -18.27 -15.21 20.26
CA ARG C 291 -17.21 -14.72 21.12
CA ARG C 291 -17.22 -14.72 21.12
C ARG C 291 -16.77 -15.83 22.06
N ASN C 292 -15.49 -16.16 22.02
CA ASN C 292 -15.04 -17.25 22.88
C ASN C 292 -13.58 -17.17 23.19
N VAL C 293 -13.14 -18.01 24.13
CA VAL C 293 -11.74 -18.13 24.44
C VAL C 293 -11.42 -19.59 24.66
N PHE C 294 -10.42 -20.07 23.93
CA PHE C 294 -9.84 -21.38 24.15
C PHE C 294 -8.77 -21.21 25.21
N THR C 295 -8.84 -22.02 26.27
CA THR C 295 -7.87 -21.91 27.34
C THR C 295 -7.14 -23.22 27.64
N LEU C 296 -5.91 -23.11 28.14
CA LEU C 296 -5.22 -24.27 28.69
C LEU C 296 -5.56 -24.27 30.16
N ASN C 297 -6.08 -25.39 30.65
CA ASN C 297 -6.52 -25.48 32.04
C ASN C 297 -7.83 -24.72 32.22
N THR C 298 -8.26 -24.56 33.46
CA THR C 298 -9.59 -24.06 33.75
C THR C 298 -9.71 -22.54 33.70
N CYS C 299 -10.92 -22.07 33.45
CA CYS C 299 -11.17 -20.66 33.32
C CYS C 299 -12.62 -20.39 33.70
N SER C 300 -12.83 -19.54 34.69
CA SER C 300 -14.19 -19.20 35.12
C SER C 300 -14.94 -18.43 34.04
N PRO C 301 -16.28 -18.53 34.06
CA PRO C 301 -17.19 -18.02 33.03
C PRO C 301 -17.05 -16.53 32.75
N ILE C 302 -17.22 -16.12 31.50
CA ILE C 302 -17.22 -14.71 31.17
C ILE C 302 -18.50 -14.32 30.47
N THR C 303 -19.27 -13.49 31.15
CA THR C 303 -20.55 -13.05 30.64
C THR C 303 -20.48 -12.66 29.17
N GLY C 304 -21.17 -13.43 28.32
CA GLY C 304 -21.32 -13.08 26.91
C GLY C 304 -20.27 -13.68 26.00
N SER C 305 -19.60 -14.73 26.48
CA SER C 305 -18.64 -15.45 25.66
C SER C 305 -18.49 -16.89 26.14
N MET C 306 -18.18 -17.78 25.22
CA MET C 306 -17.99 -19.17 25.57
C MET C 306 -16.54 -19.42 25.97
N ILE C 307 -16.35 -20.37 26.88
CA ILE C 307 -15.01 -20.74 27.34
C ILE C 307 -14.78 -22.20 27.01
N PHE C 308 -13.74 -22.48 26.24
CA PHE C 308 -13.40 -23.87 25.94
C PHE C 308 -12.04 -24.22 26.54
N SER C 309 -12.05 -24.83 27.72
CA SER C 309 -10.81 -25.12 28.42
C SER C 309 -10.36 -26.56 28.14
N HIS C 310 -9.05 -26.79 28.15
CA HIS C 310 -8.45 -28.04 27.70
C HIS C 310 -7.40 -28.49 28.71
N ALA C 311 -7.21 -29.79 28.83
CA ALA C 311 -6.20 -30.31 29.74
C ALA C 311 -4.80 -30.16 29.16
N THR C 312 -4.69 -30.23 27.84
CA THR C 312 -3.39 -30.08 27.21
C THR C 312 -3.40 -29.03 26.12
N GLU C 313 -2.23 -28.45 25.89
CA GLU C 313 -2.03 -27.45 24.85
C GLU C 313 -2.33 -28.07 23.47
N GLU C 314 -1.89 -29.32 23.28
CA GLU C 314 -2.08 -30.02 22.02
C GLU C 314 -3.54 -30.11 21.66
N GLU C 315 -4.35 -30.47 22.64
CA GLU C 315 -5.78 -30.57 22.43
C GLU C 315 -6.33 -29.22 22.02
N MET C 316 -5.93 -28.18 22.75
CA MET C 316 -6.40 -26.83 22.46
C MET C 316 -6.13 -26.45 21.00
N LEU C 317 -4.90 -26.67 20.55
CA LEU C 317 -4.53 -26.35 19.16
C LEU C 317 -5.38 -27.15 18.14
N SER C 318 -5.56 -28.45 18.36
CA SER C 318 -6.35 -29.26 17.43
C SER C 318 -7.79 -28.80 17.39
N ASN C 319 -8.35 -28.51 18.55
CA ASN C 319 -9.71 -27.97 18.60
C ASN C 319 -9.85 -26.64 17.87
N TRP C 320 -8.83 -25.80 17.95
CA TRP C 320 -8.89 -24.49 17.32
C TRP C 320 -8.88 -24.62 15.81
N ARG C 321 -8.03 -25.49 15.29
CA ARG C 321 -8.04 -25.83 13.86
C ARG C 321 -9.43 -26.28 13.39
N ASN C 322 -10.05 -27.17 14.18
CA ASN C 322 -11.38 -27.70 13.87
C ASN C 322 -12.43 -26.59 13.88
N PHE C 323 -12.28 -25.69 14.85
CA PHE C 323 -13.13 -24.51 14.98
C PHE C 323 -13.08 -23.66 13.71
N ILE C 324 -11.89 -23.36 13.23
CA ILE C 324 -11.76 -22.60 11.99
C ILE C 324 -12.47 -23.31 10.85
N ILE C 325 -12.22 -24.61 10.72
CA ILE C 325 -12.81 -25.33 9.61
C ILE C 325 -14.33 -25.27 9.65
N LYS C 326 -14.89 -25.52 10.83
CA LYS C 326 -16.36 -25.50 10.95
C LYS C 326 -16.97 -24.10 10.81
N VAL C 327 -16.36 -23.09 11.42
CA VAL C 327 -16.89 -21.73 11.31
C VAL C 327 -16.71 -21.19 9.88
N ASP C 328 -15.65 -21.65 9.21
CA ASP C 328 -15.41 -21.31 7.81
C ASP C 328 -15.32 -19.80 7.56
N PRO C 329 -14.45 -19.09 8.30
CA PRO C 329 -14.29 -17.65 8.08
C PRO C 329 -13.75 -17.30 6.69
N ASP C 330 -14.24 -16.19 6.15
CA ASP C 330 -13.77 -15.65 4.88
C ASP C 330 -12.53 -14.79 5.06
N VAL C 331 -12.42 -14.15 6.22
CA VAL C 331 -11.32 -13.27 6.50
C VAL C 331 -10.82 -13.52 7.93
N ILE C 332 -9.51 -13.73 8.06
CA ILE C 332 -8.88 -13.87 9.36
C ILE C 332 -8.08 -12.61 9.67
N ILE C 333 -8.42 -11.98 10.78
CA ILE C 333 -7.81 -10.71 11.15
C ILE C 333 -7.28 -10.81 12.55
N GLY C 334 -6.64 -9.72 12.98
CA GLY C 334 -6.10 -9.57 14.33
C GLY C 334 -5.12 -8.40 14.28
N TYR C 335 -4.17 -8.39 15.20
CA TYR C 335 -3.22 -7.29 15.28
C TYR C 335 -1.83 -7.89 15.49
N ASN C 336 -1.02 -7.84 14.44
CA ASN C 336 0.28 -8.53 14.40
C ASN C 336 0.16 -10.03 14.21
N THR C 337 -0.98 -10.47 13.69
CA THR C 337 -1.22 -11.88 13.43
C THR C 337 -0.25 -12.39 12.37
N THR C 338 0.10 -11.53 11.40
CA THR C 338 0.99 -11.96 10.32
C THR C 338 2.39 -12.34 10.84
N ASN C 339 2.99 -11.47 11.62
CA ASN C 339 4.36 -11.72 12.07
C ASN C 339 4.46 -12.43 13.39
N PHE C 340 3.37 -12.47 14.16
CA PHE C 340 3.44 -13.19 15.42
C PHE C 340 2.49 -14.38 15.56
N ASP C 341 1.20 -14.10 15.79
CA ASP C 341 0.23 -15.14 16.17
C ASP C 341 0.24 -16.32 15.19
N ILE C 342 0.17 -16.05 13.90
CA ILE C 342 0.06 -17.16 12.94
C ILE C 342 1.34 -18.01 12.91
N PRO C 343 2.50 -17.40 12.64
CA PRO C 343 3.76 -18.16 12.61
C PRO C 343 4.03 -18.85 13.94
N TYR C 344 3.75 -18.17 15.04
CA TYR C 344 3.92 -18.79 16.35
C TYR C 344 3.13 -20.09 16.52
N LEU C 345 1.84 -20.07 16.16
CA LEU C 345 0.99 -21.26 16.25
C LEU C 345 1.49 -22.38 15.35
N LEU C 346 1.83 -22.03 14.11
CA LEU C 346 2.40 -23.01 13.18
C LEU C 346 3.66 -23.64 13.76
N ASN C 347 4.58 -22.79 14.21
CA ASN C 347 5.85 -23.27 14.74
C ASN C 347 5.68 -24.00 16.06
N ARG C 348 4.71 -23.57 16.86
CA ARG C 348 4.46 -24.24 18.15
C ARG C 348 3.89 -25.65 17.95
N ALA C 349 2.91 -25.77 17.05
CA ALA C 349 2.30 -27.06 16.76
C ALA C 349 3.34 -28.02 16.21
N LYS C 350 4.28 -27.50 15.42
CA LYS C 350 5.33 -28.31 14.83
C LYS C 350 6.28 -28.81 15.92
N ALA C 351 6.62 -27.94 16.85
CA ALA C 351 7.45 -28.30 18.00
C ALA C 351 6.77 -29.35 18.87
N LEU C 352 5.44 -29.28 18.97
CA LEU C 352 4.70 -30.23 19.78
C LEU C 352 4.30 -31.48 19.00
N LYS C 353 4.69 -31.53 17.72
CA LYS C 353 4.35 -32.66 16.86
C LYS C 353 2.83 -32.86 16.72
N VAL C 354 2.08 -31.78 16.83
CA VAL C 354 0.67 -31.82 16.48
C VAL C 354 0.63 -31.68 14.98
N ASN C 355 0.89 -32.79 14.29
CA ASN C 355 1.23 -32.75 12.88
C ASN C 355 0.08 -32.61 11.90
N ASP C 356 -1.15 -32.77 12.37
CA ASP C 356 -2.29 -32.41 11.55
C ASP C 356 -2.81 -30.99 11.84
N PHE C 357 -2.06 -30.21 12.65
CA PHE C 357 -2.54 -28.85 12.99
C PHE C 357 -2.64 -27.92 11.77
N PRO C 358 -1.60 -27.89 10.93
CA PRO C 358 -1.52 -26.83 9.91
C PRO C 358 -2.37 -27.12 8.65
N TYR C 359 -3.64 -27.38 8.86
CA TYR C 359 -4.59 -27.65 7.78
C TYR C 359 -5.91 -26.96 8.13
N PHE C 360 -5.88 -25.64 8.16
CA PHE C 360 -7.10 -24.87 8.42
C PHE C 360 -7.39 -23.90 7.29
N GLY C 361 -6.83 -24.17 6.11
CA GLY C 361 -7.30 -23.47 4.90
C GLY C 361 -8.60 -24.11 4.43
N ARG C 362 -9.16 -23.60 3.35
CA ARG C 362 -10.38 -24.20 2.80
C ARG C 362 -10.07 -25.42 1.93
N LEU C 363 -8.79 -25.70 1.71
CA LEU C 363 -8.40 -26.94 1.02
C LEU C 363 -7.96 -27.93 2.07
N LYS C 364 -8.71 -29.02 2.20
CA LYS C 364 -8.59 -29.94 3.35
C LYS C 364 -7.18 -30.47 3.59
N THR C 365 -6.48 -30.81 2.51
CA THR C 365 -5.15 -31.40 2.69
C THR C 365 -4.02 -30.49 2.17
N VAL C 366 -4.30 -29.20 2.01
CA VAL C 366 -3.22 -28.29 1.66
C VAL C 366 -2.63 -27.63 2.91
N LYS C 367 -1.34 -27.87 3.13
CA LYS C 367 -0.68 -27.46 4.36
C LYS C 367 -0.40 -25.95 4.42
N GLN C 368 -0.69 -25.32 5.56
CA GLN C 368 -0.28 -23.91 5.75
C GLN C 368 1.22 -23.85 5.99
N GLU C 369 1.94 -23.09 5.17
CA GLU C 369 3.39 -23.02 5.32
C GLU C 369 3.87 -21.59 5.35
N ILE C 370 4.91 -21.35 6.15
CA ILE C 370 5.51 -20.03 6.17
C ILE C 370 6.45 -19.87 4.99
N LYS C 371 6.17 -18.90 4.13
CA LYS C 371 7.10 -18.52 3.08
C LYS C 371 7.97 -17.36 3.56
N GLU C 372 9.28 -17.56 3.60
CA GLU C 372 10.16 -16.46 3.97
C GLU C 372 10.50 -15.69 2.70
N SER C 373 10.23 -14.40 2.71
CA SER C 373 10.61 -13.58 1.57
C SER C 373 11.08 -12.24 2.05
N VAL C 374 11.29 -11.31 1.12
CA VAL C 374 11.74 -9.96 1.48
C VAL C 374 10.90 -8.99 0.67
N PHE C 375 10.38 -7.97 1.34
CA PHE C 375 9.70 -6.89 0.63
C PHE C 375 10.54 -5.62 0.67
N SER C 376 10.68 -4.93 -0.47
CA SER C 376 11.45 -3.67 -0.48
C SER C 376 10.81 -2.63 -1.39
N SER C 377 10.47 -1.48 -0.82
CA SER C 377 10.14 -0.31 -1.66
C SER C 377 10.44 0.92 -0.88
N LYS C 378 10.68 2.03 -1.57
CA LYS C 378 10.94 3.26 -0.83
C LYS C 378 9.81 3.58 0.14
N ALA C 379 8.58 3.51 -0.36
CA ALA C 379 7.42 3.92 0.44
C ALA C 379 7.27 3.08 1.70
N TYR C 380 7.48 1.77 1.56
CA TYR C 380 7.18 0.85 2.65
C TYR C 380 8.37 0.31 3.40
N GLY C 381 9.57 0.60 2.92
CA GLY C 381 10.77 0.10 3.59
C GLY C 381 11.14 -1.29 3.11
N THR C 382 12.16 -1.86 3.74
CA THR C 382 12.69 -3.15 3.37
C THR C 382 12.70 -4.08 4.58
N ARG C 383 12.12 -5.27 4.43
CA ARG C 383 12.10 -6.23 5.52
C ARG C 383 11.73 -7.62 5.08
N GLU C 384 12.16 -8.60 5.86
CA GLU C 384 11.75 -9.99 5.68
C GLU C 384 10.27 -10.11 5.97
N THR C 385 9.58 -10.96 5.20
CA THR C 385 8.17 -11.21 5.41
C THR C 385 7.95 -12.71 5.69
N LYS C 386 6.86 -13.04 6.37
CA LYS C 386 6.55 -14.44 6.67
C LYS C 386 5.12 -14.83 6.27
N ASN C 387 4.74 -14.51 5.03
CA ASN C 387 3.40 -14.81 4.52
C ASN C 387 3.03 -16.30 4.50
N VAL C 388 1.81 -16.59 4.94
CA VAL C 388 1.32 -17.95 5.03
C VAL C 388 0.12 -18.11 4.11
N ASN C 389 0.11 -19.19 3.32
CA ASN C 389 -1.05 -19.56 2.53
C ASN C 389 -2.19 -20.12 3.38
N ILE C 390 -3.28 -19.37 3.56
CA ILE C 390 -4.48 -19.94 4.16
C ILE C 390 -5.53 -20.00 3.05
N ASP C 391 -5.40 -21.05 2.24
CA ASP C 391 -6.02 -21.09 0.92
C ASP C 391 -7.50 -20.81 1.01
N GLY C 392 -7.96 -19.83 0.22
CA GLY C 392 -9.36 -19.49 0.11
C GLY C 392 -9.89 -18.60 1.22
N ARG C 393 -9.03 -18.24 2.16
CA ARG C 393 -9.39 -17.21 3.13
C ARG C 393 -8.49 -15.99 2.98
N LEU C 394 -9.08 -14.81 3.14
CA LEU C 394 -8.30 -13.58 3.20
C LEU C 394 -7.69 -13.39 4.58
N GLN C 395 -6.61 -12.64 4.62
CA GLN C 395 -6.02 -12.19 5.87
C GLN C 395 -6.03 -10.67 5.89
N LEU C 396 -6.31 -10.08 7.05
CA LEU C 396 -6.21 -8.63 7.18
C LEU C 396 -5.65 -8.34 8.56
N ASP C 397 -4.33 -8.29 8.65
CA ASP C 397 -3.69 -7.96 9.92
C ASP C 397 -3.76 -6.43 10.11
N LEU C 398 -4.51 -5.97 11.11
CA LEU C 398 -4.77 -4.52 11.21
C LEU C 398 -3.51 -3.71 11.46
N LEU C 399 -2.49 -4.34 12.03
CA LEU C 399 -1.21 -3.69 12.19
C LEU C 399 -0.63 -3.35 10.82
N GLN C 400 -0.74 -4.28 9.88
CA GLN C 400 -0.21 -4.04 8.54
C GLN C 400 -1.04 -3.00 7.80
N PHE C 401 -2.35 -3.08 7.94
CA PHE C 401 -3.23 -2.05 7.37
C PHE C 401 -2.88 -0.65 7.89
N ILE C 402 -2.91 -0.49 9.21
CA ILE C 402 -2.69 0.82 9.80
C ILE C 402 -1.31 1.39 9.45
N GLN C 403 -0.29 0.54 9.46
CA GLN C 403 1.05 0.97 9.08
C GLN C 403 1.09 1.52 7.65
N ARG C 404 0.37 0.87 6.74
CA ARG C 404 0.33 1.34 5.36
C ARG C 404 -0.46 2.62 5.20
N GLU C 405 -1.55 2.76 5.96
CA GLU C 405 -2.50 3.82 5.65
C GLU C 405 -2.40 5.04 6.57
N TYR C 406 -1.60 4.94 7.62
CA TYR C 406 -1.48 6.04 8.57
C TYR C 406 -0.04 6.26 9.01
N LYS C 407 0.29 7.54 9.23
CA LYS C 407 1.57 7.92 9.80
C LYS C 407 1.34 8.28 11.25
N LEU C 408 1.81 7.42 12.15
CA LEU C 408 1.63 7.60 13.58
C LEU C 408 2.96 7.49 14.31
N ARG C 409 3.02 8.05 15.53
CA ARG C 409 4.23 7.97 16.32
C ARG C 409 4.41 6.58 16.88
N SER C 410 3.30 5.87 17.08
CA SER C 410 3.33 4.52 17.61
C SER C 410 2.22 3.63 17.03
N TYR C 411 2.55 2.36 16.81
CA TYR C 411 1.60 1.39 16.27
C TYR C 411 1.31 0.22 17.20
N THR C 412 1.47 0.40 18.51
CA THR C 412 1.07 -0.64 19.45
C THR C 412 -0.46 -0.70 19.48
N LEU C 413 -1.01 -1.88 19.81
CA LEU C 413 -2.46 -2.01 19.86
C LEU C 413 -3.04 -0.96 20.79
N ASN C 414 -2.45 -0.82 21.97
CA ASN C 414 -2.87 0.20 22.92
C ASN C 414 -2.84 1.62 22.33
N ALA C 415 -1.75 1.94 21.65
CA ALA C 415 -1.61 3.28 21.10
C ALA C 415 -2.68 3.58 20.07
N VAL C 416 -2.88 2.68 19.12
CA VAL C 416 -3.83 2.91 18.04
C VAL C 416 -5.29 2.81 18.49
N SER C 417 -5.55 1.99 19.51
CA SER C 417 -6.89 1.88 20.09
C SER C 417 -7.27 3.18 20.80
N ALA C 418 -6.32 3.75 21.54
CA ALA C 418 -6.54 5.02 22.21
C ALA C 418 -6.76 6.12 21.18
N HIS C 419 -5.98 6.07 20.10
CA HIS C 419 -6.00 7.10 19.05
C HIS C 419 -7.27 7.07 18.21
N PHE C 420 -7.64 5.88 17.72
CA PHE C 420 -8.80 5.74 16.83
C PHE C 420 -10.09 5.42 17.57
N LEU C 421 -9.99 4.73 18.69
CA LEU C 421 -11.19 4.23 19.36
C LEU C 421 -11.51 4.97 20.65
N GLY C 422 -10.54 5.75 21.13
CA GLY C 422 -10.72 6.45 22.40
C GLY C 422 -10.48 5.58 23.62
N GLU C 423 -9.70 4.52 23.45
CA GLU C 423 -9.33 3.67 24.59
C GLU C 423 -8.28 4.34 25.47
N GLN C 424 -8.21 3.90 26.72
CA GLN C 424 -7.26 4.46 27.69
C GLN C 424 -5.82 4.06 27.34
N SER C 431 4.36 -9.89 31.23
CA SER C 431 4.79 -9.44 32.53
C SER C 431 4.15 -10.25 33.65
N ILE C 432 2.82 -10.21 33.71
CA ILE C 432 2.06 -10.97 34.70
C ILE C 432 1.40 -12.17 34.03
N ILE C 433 1.47 -12.22 32.71
CA ILE C 433 0.72 -13.24 31.96
C ILE C 433 0.94 -14.64 32.53
N SER C 434 2.19 -15.06 32.63
CA SER C 434 2.51 -16.40 33.09
C SER C 434 2.06 -16.66 34.52
N ASP C 435 2.08 -15.63 35.35
CA ASP C 435 1.61 -15.76 36.72
C ASP C 435 0.10 -16.00 36.77
N LEU C 436 -0.65 -15.20 36.03
CA LEU C 436 -2.10 -15.41 35.93
C LEU C 436 -2.40 -16.84 35.50
N GLN C 437 -1.61 -17.34 34.54
CA GLN C 437 -1.80 -18.70 34.02
C GLN C 437 -1.61 -19.77 35.09
N ASN C 438 -0.68 -19.54 36.00
CA ASN C 438 -0.33 -20.54 37.02
C ASN C 438 -1.13 -20.39 38.31
N GLY C 439 -2.13 -19.51 38.29
CA GLY C 439 -3.00 -19.31 39.44
C GLY C 439 -4.15 -20.29 39.49
N ASP C 440 -5.36 -19.80 39.26
CA ASP C 440 -6.56 -20.62 39.34
C ASP C 440 -7.56 -20.24 38.24
N SER C 441 -8.77 -20.80 38.32
CA SER C 441 -9.79 -20.51 37.32
C SER C 441 -10.06 -19.01 37.20
N GLU C 442 -9.91 -18.30 38.32
CA GLU C 442 -10.17 -16.85 38.33
C GLU C 442 -9.06 -16.01 37.69
N THR C 443 -7.80 -16.35 37.97
CA THR C 443 -6.71 -15.57 37.40
C THR C 443 -6.65 -15.81 35.88
N ARG C 444 -6.93 -17.04 35.46
CA ARG C 444 -6.98 -17.34 34.04
C ARG C 444 -8.16 -16.63 33.36
N ARG C 445 -9.28 -16.52 34.07
CA ARG C 445 -10.41 -15.71 33.57
C ARG C 445 -9.97 -14.26 33.33
N ARG C 446 -9.33 -13.66 34.32
CA ARG C 446 -8.78 -12.32 34.16
C ARG C 446 -7.95 -12.21 32.88
N LEU C 447 -7.06 -13.18 32.69
CA LEU C 447 -6.24 -13.23 31.49
C LEU C 447 -7.13 -13.34 30.25
N ALA C 448 -8.22 -14.10 30.37
CA ALA C 448 -9.09 -14.38 29.24
C ALA C 448 -9.86 -13.13 28.79
N VAL C 449 -10.25 -12.27 29.74
CA VAL C 449 -10.89 -11.01 29.38
C VAL C 449 -9.92 -10.14 28.59
N TYR C 450 -8.66 -10.12 29.03
CA TYR C 450 -7.63 -9.35 28.34
C TYR C 450 -7.46 -9.89 26.91
N CYS C 451 -7.41 -11.21 26.81
CA CYS C 451 -7.25 -11.86 25.51
C CYS C 451 -8.46 -11.63 24.61
N LEU C 452 -9.65 -11.74 25.18
CA LEU C 452 -10.87 -11.47 24.41
C LEU C 452 -10.88 -10.03 23.90
N LYS C 453 -10.53 -9.10 24.77
CA LYS C 453 -10.52 -7.70 24.38
C LYS C 453 -9.52 -7.47 23.25
N ASP C 454 -8.36 -8.12 23.35
CA ASP C 454 -7.36 -8.02 22.29
C ASP C 454 -7.84 -8.63 20.98
N ALA C 455 -8.79 -9.57 21.06
CA ALA C 455 -9.37 -10.17 19.86
C ALA C 455 -10.45 -9.27 19.29
N TYR C 456 -11.12 -8.53 20.16
CA TYR C 456 -12.22 -7.66 19.74
C TYR C 456 -11.72 -6.35 19.09
N LEU C 457 -10.68 -5.77 19.66
CA LEU C 457 -10.19 -4.49 19.18
C LEU C 457 -9.90 -4.48 17.67
N PRO C 458 -9.21 -5.50 17.16
CA PRO C 458 -8.94 -5.52 15.72
C PRO C 458 -10.21 -5.47 14.89
N LEU C 459 -11.27 -6.12 15.36
CA LEU C 459 -12.53 -6.06 14.65
C LEU C 459 -13.16 -4.67 14.69
N ARG C 460 -13.13 -4.03 15.86
CA ARG C 460 -13.56 -2.61 15.97
C ARG C 460 -12.75 -1.71 15.03
N LEU C 461 -11.43 -1.88 15.06
CA LEU C 461 -10.57 -1.14 14.16
C LEU C 461 -10.94 -1.33 12.68
N MET C 462 -11.15 -2.57 12.28
CA MET C 462 -11.44 -2.87 10.90
C MET C 462 -12.70 -2.14 10.45
N GLU C 463 -13.73 -2.20 11.29
CA GLU C 463 -15.01 -1.59 10.96
C GLU C 463 -14.95 -0.06 10.96
N LYS C 464 -14.38 0.52 12.02
CA LYS C 464 -14.29 1.98 12.13
C LYS C 464 -13.38 2.60 11.06
N LEU C 465 -12.25 1.95 10.79
CA LEU C 465 -11.33 2.43 9.75
C LEU C 465 -11.77 2.03 8.33
N MET C 466 -12.88 1.31 8.22
CA MET C 466 -13.39 0.88 6.91
C MET C 466 -12.31 0.12 6.10
N ALA C 467 -11.49 -0.68 6.80
CA ALA C 467 -10.35 -1.32 6.17
C ALA C 467 -10.78 -2.27 5.04
N LEU C 468 -11.78 -3.09 5.34
CA LEU C 468 -12.30 -4.06 4.39
C LEU C 468 -13.07 -3.37 3.26
N VAL C 469 -13.83 -2.35 3.61
CA VAL C 469 -14.64 -1.64 2.62
C VAL C 469 -13.77 -0.87 1.60
N ASN C 470 -12.75 -0.17 2.10
CA ASN C 470 -11.93 0.66 1.24
C ASN C 470 -10.99 -0.19 0.41
N TYR C 471 -10.49 -1.27 1.00
CA TYR C 471 -9.65 -2.20 0.24
C TYR C 471 -10.45 -3.00 -0.81
N THR C 472 -11.68 -3.37 -0.47
CA THR C 472 -12.60 -3.87 -1.50
C THR C 472 -12.70 -2.90 -2.70
N GLU C 473 -12.95 -1.63 -2.42
CA GLU C 473 -12.98 -0.63 -3.48
C GLU C 473 -11.68 -0.63 -4.30
N MET C 474 -10.54 -0.60 -3.61
CA MET C 474 -9.26 -0.54 -4.31
C MET C 474 -9.05 -1.76 -5.22
N ALA C 475 -9.39 -2.95 -4.69
CA ALA C 475 -9.25 -4.18 -5.47
C ALA C 475 -10.10 -4.12 -6.72
N ARG C 476 -11.30 -3.54 -6.58
CA ARG C 476 -12.23 -3.44 -7.70
C ARG C 476 -11.78 -2.44 -8.74
N VAL C 477 -11.37 -1.26 -8.27
CA VAL C 477 -10.91 -0.18 -9.15
C VAL C 477 -9.62 -0.53 -9.92
N THR C 478 -8.66 -1.16 -9.26
CA THR C 478 -7.38 -1.45 -9.94
C THR C 478 -7.36 -2.86 -10.54
N GLY C 479 -8.33 -3.68 -10.12
CA GLY C 479 -8.45 -5.02 -10.66
C GLY C 479 -7.51 -6.05 -10.05
N VAL C 480 -6.88 -5.76 -8.91
CA VAL C 480 -6.05 -6.79 -8.28
C VAL C 480 -6.83 -7.60 -7.24
N PRO C 481 -6.42 -8.85 -7.01
CA PRO C 481 -6.99 -9.61 -5.91
C PRO C 481 -6.77 -8.85 -4.61
N PHE C 482 -7.76 -8.92 -3.73
CA PHE C 482 -7.65 -8.31 -2.41
C PHE C 482 -6.30 -8.59 -1.74
N SER C 483 -5.81 -9.81 -1.88
CA SER C 483 -4.62 -10.21 -1.13
C SER C 483 -3.38 -9.46 -1.60
N TYR C 484 -3.41 -8.89 -2.81
CA TYR C 484 -2.26 -8.15 -3.30
C TYR C 484 -2.09 -6.82 -2.57
N LEU C 485 -3.18 -6.29 -2.01
CA LEU C 485 -3.10 -4.95 -1.41
C LEU C 485 -2.10 -4.83 -0.26
N LEU C 486 -2.08 -5.81 0.65
CA LEU C 486 -1.14 -5.76 1.77
C LEU C 486 0.15 -6.52 1.52
N ALA C 487 0.12 -7.46 0.58
CA ALA C 487 1.31 -8.28 0.31
C ALA C 487 2.19 -7.69 -0.80
N ARG C 488 1.60 -6.85 -1.65
CA ARG C 488 2.35 -6.35 -2.80
C ARG C 488 2.38 -4.83 -2.88
N GLY C 489 2.91 -4.28 -3.96
CA GLY C 489 3.08 -2.83 -4.01
C GLY C 489 2.18 -2.12 -5.01
N GLN C 490 2.59 -0.92 -5.40
CA GLN C 490 1.84 -0.10 -6.36
C GLN C 490 2.00 -0.60 -7.80
N GLN C 491 3.16 -1.17 -8.12
CA GLN C 491 3.39 -1.57 -9.51
C GLN C 491 2.38 -2.57 -10.07
N ILE C 492 2.00 -3.58 -9.26
CA ILE C 492 1.11 -4.64 -9.71
C ILE C 492 -0.29 -4.11 -9.99
N LYS C 493 -0.69 -3.08 -9.23
CA LYS C 493 -1.95 -2.42 -9.49
C LYS C 493 -1.89 -1.72 -10.85
N VAL C 494 -0.78 -1.04 -11.12
CA VAL C 494 -0.64 -0.40 -12.44
C VAL C 494 -0.66 -1.45 -13.54
N VAL C 495 0.10 -2.53 -13.34
CA VAL C 495 0.17 -3.64 -14.31
C VAL C 495 -1.22 -4.21 -14.65
N SER C 496 -2.01 -4.50 -13.63
CA SER C 496 -3.36 -5.02 -13.86
C SER C 496 -4.22 -4.08 -14.72
N GLN C 497 -4.24 -2.78 -14.37
CA GLN C 497 -4.96 -1.79 -15.17
C GLN C 497 -4.47 -1.71 -16.60
N LEU C 498 -3.16 -1.78 -16.77
CA LEU C 498 -2.58 -1.68 -18.10
C LEU C 498 -2.98 -2.87 -18.99
N PHE C 499 -2.82 -4.09 -18.44
CA PHE C 499 -3.19 -5.29 -19.21
C PHE C 499 -4.69 -5.25 -19.60
N ARG C 500 -5.53 -4.85 -18.66
CA ARG C 500 -6.96 -4.71 -18.93
C ARG C 500 -7.29 -3.68 -20.04
N LYS C 501 -6.70 -2.50 -19.98
CA LYS C 501 -6.87 -1.54 -21.09
C LYS C 501 -6.28 -2.05 -22.42
N CYS C 502 -5.11 -2.71 -22.37
CA CYS C 502 -4.48 -3.17 -23.61
C CYS C 502 -5.28 -4.27 -24.33
N LEU C 503 -5.87 -5.16 -23.55
CA LEU C 503 -6.72 -6.20 -24.09
C LEU C 503 -7.82 -5.58 -24.93
N GLU C 504 -8.42 -4.49 -24.44
CA GLU C 504 -9.47 -3.78 -25.15
C GLU C 504 -9.05 -3.28 -26.53
N ILE C 505 -7.76 -3.03 -26.74
CA ILE C 505 -7.36 -2.45 -28.00
C ILE C 505 -6.35 -3.31 -28.74
N ASP C 506 -6.37 -4.62 -28.48
CA ASP C 506 -5.51 -5.56 -29.20
C ASP C 506 -4.06 -5.20 -29.13
N THR C 507 -3.63 -4.82 -27.94
CA THR C 507 -2.30 -4.36 -27.74
C THR C 507 -1.58 -5.30 -26.79
N VAL C 508 -0.31 -5.53 -27.05
CA VAL C 508 0.45 -6.41 -26.16
C VAL C 508 1.70 -5.71 -25.63
N ILE C 509 2.15 -6.18 -24.47
CA ILE C 509 3.20 -5.52 -23.70
C ILE C 509 4.51 -6.32 -23.72
N PRO C 510 5.59 -5.70 -24.23
CA PRO C 510 6.89 -6.37 -24.32
C PRO C 510 7.46 -6.70 -22.94
N ASN C 511 8.02 -7.89 -22.82
CA ASN C 511 8.65 -8.34 -21.60
C ASN C 511 10.09 -7.84 -21.55
N MET C 512 10.41 -6.98 -20.59
CA MET C 512 11.78 -6.49 -20.42
CA MET C 512 11.77 -6.46 -20.42
C MET C 512 12.31 -6.85 -19.05
N GLN C 513 13.63 -7.02 -18.95
CA GLN C 513 14.23 -7.35 -17.67
C GLN C 513 14.46 -6.06 -16.89
N SER C 514 14.17 -6.10 -15.59
CA SER C 514 14.47 -4.98 -14.71
C SER C 514 15.95 -4.67 -14.82
N GLN C 515 16.29 -3.39 -14.92
CA GLN C 515 17.69 -2.97 -14.93
C GLN C 515 17.82 -1.64 -14.19
N ALA C 516 17.97 -1.73 -12.87
CA ALA C 516 18.11 -0.56 -12.03
C ALA C 516 19.14 0.43 -12.60
N SER C 517 18.77 1.70 -12.65
CA SER C 517 19.70 2.70 -13.10
C SER C 517 20.50 3.22 -11.93
N ASP C 518 21.68 3.77 -12.22
CA ASP C 518 22.49 4.39 -11.19
C ASP C 518 22.14 5.87 -11.04
N ASP C 519 21.28 6.36 -11.93
CA ASP C 519 20.94 7.77 -11.93
C ASP C 519 19.42 7.99 -11.83
N GLN C 520 19.04 9.09 -11.21
CA GLN C 520 17.66 9.52 -11.16
C GLN C 520 17.49 10.56 -12.27
N TYR C 521 16.34 10.62 -12.91
CA TYR C 521 16.11 11.67 -13.90
C TYR C 521 15.72 12.95 -13.14
N GLU C 522 15.65 14.07 -13.84
CA GLU C 522 15.43 15.36 -13.17
C GLU C 522 13.97 15.52 -12.70
N GLY C 523 13.76 16.08 -11.51
CA GLY C 523 12.42 16.17 -10.94
C GLY C 523 11.87 17.59 -10.87
N ALA C 524 11.23 17.89 -9.74
CA ALA C 524 10.49 19.13 -9.53
C ALA C 524 11.36 20.34 -9.21
N THR C 525 10.81 21.52 -9.44
CA THR C 525 11.37 22.75 -8.94
C THR C 525 10.86 23.04 -7.52
N VAL C 526 11.78 23.31 -6.60
CA VAL C 526 11.40 23.83 -5.31
C VAL C 526 11.94 25.25 -5.28
N ILE C 527 11.04 26.22 -5.12
CA ILE C 527 11.39 27.63 -5.22
C ILE C 527 12.27 28.05 -4.04
N GLU C 528 13.31 28.84 -4.33
CA GLU C 528 14.19 29.41 -3.30
C GLU C 528 13.37 30.26 -2.34
N PRO C 529 13.37 29.91 -1.03
CA PRO C 529 12.49 30.66 -0.14
C PRO C 529 13.03 32.06 0.22
N ILE C 530 12.12 33.03 0.34
CA ILE C 530 12.41 34.29 0.99
C ILE C 530 12.13 34.05 2.48
N ARG C 531 13.17 33.63 3.21
CA ARG C 531 13.00 33.08 4.55
C ARG C 531 12.54 34.12 5.53
N GLY C 532 11.80 33.69 6.55
CA GLY C 532 11.49 34.61 7.63
C GLY C 532 10.11 34.47 8.23
N TYR C 533 9.79 35.37 9.14
CA TYR C 533 8.52 35.34 9.85
C TYR C 533 7.58 36.32 9.20
N TYR C 534 6.51 35.83 8.60
CA TYR C 534 5.58 36.72 7.90
C TYR C 534 4.37 37.00 8.79
N ASP C 535 4.18 38.27 9.14
CA ASP C 535 3.00 38.69 9.91
C ASP C 535 1.92 39.29 9.00
N VAL C 536 1.88 38.83 7.75
CA VAL C 536 0.82 39.16 6.80
C VAL C 536 0.34 37.86 6.16
N PRO C 537 -0.88 37.84 5.63
CA PRO C 537 -1.41 36.59 5.10
C PRO C 537 -0.63 36.14 3.85
N ILE C 538 -0.36 34.84 3.79
CA ILE C 538 0.30 34.22 2.64
C ILE C 538 -0.68 33.24 2.00
N ALA C 539 -1.01 33.45 0.73
CA ALA C 539 -2.00 32.61 0.04
C ALA C 539 -1.30 31.45 -0.63
N THR C 540 -1.73 30.22 -0.34
CA THR C 540 -1.13 29.04 -0.96
C THR C 540 -2.03 28.48 -2.07
N LEU C 541 -1.46 28.40 -3.27
CA LEU C 541 -2.16 27.92 -4.45
C LEU C 541 -1.45 26.64 -4.88
N ASP C 542 -2.23 25.64 -5.28
CA ASP C 542 -1.62 24.42 -5.84
C ASP C 542 -2.49 23.66 -6.84
N PHE C 543 -1.83 22.97 -7.75
CA PHE C 543 -2.51 22.27 -8.84
C PHE C 543 -3.16 20.98 -8.32
N ASN C 544 -4.44 20.79 -8.66
CA ASN C 544 -5.12 19.53 -8.38
C ASN C 544 -4.45 18.40 -9.17
N SER C 545 -4.13 17.30 -8.49
CA SER C 545 -3.63 16.12 -9.21
C SER C 545 -2.58 16.49 -10.27
N LEU C 546 -1.49 17.16 -9.92
CA LEU C 546 -0.68 17.77 -10.98
C LEU C 546 -0.17 16.77 -12.03
N TYR C 547 0.64 15.80 -11.62
CA TYR C 547 1.29 14.94 -12.62
C TYR C 547 0.32 14.15 -13.51
N PRO C 548 -0.72 13.56 -12.91
CA PRO C 548 -1.80 13.00 -13.75
C PRO C 548 -2.46 14.02 -14.70
N SER C 549 -2.71 15.25 -14.24
CA SER C 549 -3.36 16.23 -15.13
C SER C 549 -2.44 16.56 -16.30
N ILE C 550 -1.13 16.53 -16.05
CA ILE C 550 -0.17 16.75 -17.13
C ILE C 550 -0.24 15.60 -18.15
N MET C 551 -0.25 14.35 -17.67
CA MET C 551 -0.38 13.19 -18.56
C MET C 551 -1.68 13.18 -19.36
N MET C 552 -2.75 13.65 -18.74
CA MET C 552 -4.01 13.74 -19.47
C MET C 552 -4.00 14.92 -20.44
N ALA C 553 -3.56 16.10 -19.99
CA ALA C 553 -3.63 17.27 -20.85
C ALA C 553 -2.84 17.02 -22.12
N HIS C 554 -1.68 16.37 -21.97
CA HIS C 554 -0.76 16.21 -23.08
C HIS C 554 -0.71 14.81 -23.67
N ASN C 555 -1.70 13.99 -23.34
CA ASN C 555 -1.86 12.67 -24.02
C ASN C 555 -0.61 11.80 -23.94
N LEU C 556 -0.05 11.74 -22.74
CA LEU C 556 1.22 11.08 -22.50
C LEU C 556 0.99 9.61 -22.17
N CYS C 557 1.51 8.73 -23.02
CA CYS C 557 1.30 7.28 -22.83
C CYS C 557 2.36 6.54 -23.61
N TYR C 558 2.58 5.28 -23.23
CA TYR C 558 3.42 4.40 -24.03
C TYR C 558 2.95 4.40 -25.49
N THR C 559 1.64 4.38 -25.70
CA THR C 559 1.05 4.19 -27.03
C THR C 559 1.10 5.44 -27.91
N THR C 560 1.40 6.58 -27.31
CA THR C 560 1.39 7.83 -28.05
C THR C 560 2.81 8.39 -28.28
N LEU C 561 3.81 7.73 -27.71
CA LEU C 561 5.21 8.11 -27.90
C LEU C 561 5.63 7.94 -29.37
N CYS C 562 6.28 8.95 -29.92
CA CYS C 562 6.62 8.92 -31.33
C CYS C 562 8.08 9.33 -31.50
N ASN C 563 8.47 9.68 -32.73
CA ASN C 563 9.83 10.20 -32.95
C ASN C 563 9.95 10.96 -34.26
N LYS C 564 11.05 11.70 -34.40
CA LYS C 564 11.29 12.51 -35.57
C LYS C 564 11.09 11.74 -36.86
N ALA C 565 11.60 10.51 -36.89
CA ALA C 565 11.54 9.66 -38.08
C ALA C 565 10.11 9.34 -38.49
N THR C 566 9.28 9.05 -37.50
CA THR C 566 7.90 8.66 -37.76
C THR C 566 7.06 9.84 -38.24
N VAL C 567 7.16 10.97 -37.54
CA VAL C 567 6.42 12.16 -37.89
C VAL C 567 6.68 12.59 -39.35
N GLU C 568 7.83 12.19 -39.88
CA GLU C 568 8.20 12.54 -41.24
C GLU C 568 7.74 11.48 -42.23
N ARG C 569 7.96 10.21 -41.92
CA ARG C 569 7.44 9.15 -42.75
C ARG C 569 5.93 9.28 -42.89
N LEU C 570 5.29 9.82 -41.86
CA LEU C 570 3.83 9.96 -41.86
C LEU C 570 3.39 11.38 -42.18
N ASN C 571 4.34 12.29 -42.32
CA ASN C 571 4.00 13.66 -42.65
C ASN C 571 2.97 14.24 -41.68
N LEU C 572 3.26 14.13 -40.38
CA LEU C 572 2.38 14.69 -39.36
C LEU C 572 2.74 16.15 -39.09
N LYS C 573 1.75 16.95 -38.71
CA LYS C 573 1.99 18.36 -38.48
C LYS C 573 2.13 18.67 -37.01
N ILE C 574 3.18 19.42 -36.66
CA ILE C 574 3.38 19.79 -35.28
C ILE C 574 2.16 20.50 -34.68
N ASP C 575 1.83 20.12 -33.46
CA ASP C 575 0.71 20.72 -32.72
C ASP C 575 -0.66 20.16 -33.13
N GLU C 576 -0.85 19.85 -34.40
CA GLU C 576 -2.07 19.17 -34.80
C GLU C 576 -1.98 17.66 -34.55
N ASP C 577 -0.90 17.04 -35.03
CA ASP C 577 -0.74 15.59 -34.99
C ASP C 577 0.18 15.13 -33.88
N TYR C 578 1.04 16.05 -33.43
CA TYR C 578 1.96 15.74 -32.34
C TYR C 578 2.50 16.98 -31.69
N VAL C 579 3.24 16.73 -30.63
CA VAL C 579 3.69 17.74 -29.72
C VAL C 579 5.11 17.37 -29.35
N ILE C 580 5.93 18.38 -29.04
CA ILE C 580 7.28 18.15 -28.52
C ILE C 580 7.37 18.66 -27.09
N THR C 581 7.65 17.77 -26.15
CA THR C 581 7.57 18.14 -24.74
C THR C 581 8.78 18.97 -24.40
N PRO C 582 8.75 19.61 -23.23
CA PRO C 582 9.91 20.36 -22.77
C PRO C 582 11.12 19.45 -22.50
N ASN C 583 10.89 18.15 -22.41
CA ASN C 583 11.99 17.18 -22.34
C ASN C 583 12.55 16.84 -23.71
N GLY C 584 11.85 17.26 -24.76
CA GLY C 584 12.30 17.03 -26.14
C GLY C 584 11.74 15.78 -26.81
N ASP C 585 10.83 15.09 -26.11
CA ASP C 585 10.15 13.89 -26.62
C ASP C 585 8.94 14.23 -27.48
N TYR C 586 8.65 13.37 -28.47
CA TYR C 586 7.49 13.55 -29.35
C TYR C 586 6.35 12.65 -28.89
N PHE C 587 5.18 13.22 -28.64
CA PHE C 587 3.99 12.42 -28.39
C PHE C 587 2.89 12.83 -29.36
N VAL C 588 2.16 11.88 -29.91
CA VAL C 588 1.05 12.25 -30.81
C VAL C 588 -0.12 12.77 -29.99
N THR C 589 -0.96 13.55 -30.65
CA THR C 589 -2.14 14.16 -30.03
C THR C 589 -3.32 13.19 -30.07
N THR C 590 -4.37 13.50 -29.32
CA THR C 590 -5.56 12.64 -29.27
C THR C 590 -6.19 12.56 -30.66
N LYS C 591 -5.87 13.52 -31.53
CA LYS C 591 -6.27 13.45 -32.91
C LYS C 591 -5.80 12.13 -33.53
N ARG C 592 -4.56 11.76 -33.27
CA ARG C 592 -4.00 10.58 -33.91
C ARG C 592 -4.26 9.33 -33.06
N ARG C 593 -4.22 9.50 -31.75
CA ARG C 593 -4.46 8.37 -30.84
C ARG C 593 -4.72 8.83 -29.41
N ARG C 594 -5.80 8.33 -28.83
CA ARG C 594 -6.10 8.51 -27.42
C ARG C 594 -5.23 7.57 -26.61
N GLY C 595 -4.34 8.11 -25.78
CA GLY C 595 -3.49 7.21 -24.97
C GLY C 595 -4.23 6.46 -23.89
N ILE C 596 -3.64 5.40 -23.38
CA ILE C 596 -4.30 4.57 -22.37
C ILE C 596 -4.01 5.05 -20.96
N LEU C 597 -2.79 5.53 -20.72
CA LEU C 597 -2.49 6.07 -19.39
C LEU C 597 -3.49 7.15 -18.98
N PRO C 598 -3.82 8.09 -19.87
CA PRO C 598 -4.83 9.12 -19.56
C PRO C 598 -6.17 8.54 -19.10
N ILE C 599 -6.59 7.43 -19.70
CA ILE C 599 -7.86 6.81 -19.33
C ILE C 599 -7.77 6.15 -17.94
N ILE C 600 -6.66 5.46 -17.69
CA ILE C 600 -6.45 4.87 -16.36
C ILE C 600 -6.45 5.97 -15.29
N LEU C 601 -5.76 7.08 -15.58
CA LEU C 601 -5.73 8.20 -14.63
C LEU C 601 -7.13 8.81 -14.46
N ASP C 602 -7.88 8.95 -15.55
CA ASP C 602 -9.22 9.50 -15.49
C ASP C 602 -10.09 8.68 -14.54
N GLU C 603 -9.99 7.36 -14.64
CA GLU C 603 -10.80 6.49 -13.79
C GLU C 603 -10.37 6.57 -12.33
N LEU C 604 -9.07 6.66 -12.08
CA LEU C 604 -8.58 6.78 -10.72
C LEU C 604 -8.98 8.12 -10.09
N ILE C 605 -8.90 9.18 -10.87
CA ILE C 605 -9.29 10.51 -10.37
C ILE C 605 -10.81 10.61 -10.13
N SER C 606 -11.60 9.98 -10.99
CA SER C 606 -13.05 9.87 -10.76
C SER C 606 -13.35 9.21 -9.42
N ALA C 607 -12.74 8.06 -9.19
CA ALA C 607 -12.90 7.39 -7.90
C ALA C 607 -12.51 8.34 -6.77
N ARG C 608 -11.34 8.97 -6.90
CA ARG C 608 -10.86 9.87 -5.86
C ARG C 608 -11.88 10.99 -5.61
N LYS C 609 -12.42 11.52 -6.69
CA LYS C 609 -13.41 12.58 -6.60
C LYS C 609 -14.68 12.12 -5.88
N ARG C 610 -15.05 10.86 -6.06
CA ARG C 610 -16.19 10.33 -5.33
C ARG C 610 -15.87 10.28 -3.84
N ALA C 611 -14.65 9.86 -3.52
CA ALA C 611 -14.22 9.82 -2.13
C ALA C 611 -14.20 11.23 -1.50
N LYS C 612 -13.70 12.21 -2.25
CA LYS C 612 -13.62 13.57 -1.75
C LYS C 612 -15.00 14.15 -1.48
N LYS C 613 -15.95 13.86 -2.36
CA LYS C 613 -17.31 14.32 -2.16
C LYS C 613 -17.86 13.71 -0.87
N ASP C 614 -17.58 12.42 -0.65
CA ASP C 614 -17.98 11.75 0.58
C ASP C 614 -17.37 12.46 1.78
N LEU C 615 -16.12 12.86 1.64
CA LEU C 615 -15.42 13.59 2.69
C LEU C 615 -16.06 14.96 2.92
N ARG C 616 -16.44 15.60 1.83
CA ARG C 616 -17.07 16.92 1.87
C ARG C 616 -18.41 16.83 2.60
N ASP C 617 -19.10 15.70 2.44
CA ASP C 617 -20.45 15.52 2.98
C ASP C 617 -20.52 14.96 4.39
N GLU C 618 -19.36 14.77 5.04
CA GLU C 618 -19.36 14.09 6.33
C GLU C 618 -19.06 15.00 7.51
N LYS C 619 -19.82 14.84 8.59
CA LYS C 619 -19.72 15.69 9.76
C LYS C 619 -18.65 15.22 10.75
N ASP C 620 -18.78 13.98 11.21
CA ASP C 620 -17.88 13.46 12.23
C ASP C 620 -16.40 13.55 11.85
N PRO C 621 -15.62 14.23 12.70
CA PRO C 621 -14.18 14.44 12.56
C PRO C 621 -13.43 13.12 12.32
N PHE C 622 -13.84 12.08 13.02
CA PHE C 622 -13.16 10.80 12.90
C PHE C 622 -13.45 10.13 11.57
N LYS C 623 -14.70 10.18 11.15
CA LYS C 623 -15.09 9.61 9.87
C LYS C 623 -14.39 10.34 8.74
N ARG C 624 -14.35 11.67 8.83
CA ARG C 624 -13.66 12.49 7.83
C ARG C 624 -12.20 12.07 7.68
N ASP C 625 -11.57 11.80 8.81
CA ASP C 625 -10.20 11.31 8.86
C ASP C 625 -10.07 10.08 7.96
N VAL C 626 -10.85 9.06 8.27
CA VAL C 626 -10.87 7.85 7.49
C VAL C 626 -11.14 8.14 6.02
N LEU C 627 -12.14 8.97 5.73
CA LEU C 627 -12.41 9.33 4.34
C LEU C 627 -11.23 10.07 3.73
N ASN C 628 -10.47 10.78 4.55
CA ASN C 628 -9.29 11.45 4.02
C ASN C 628 -8.22 10.46 3.55
N GLY C 629 -8.01 9.38 4.32
CA GLY C 629 -7.09 8.30 3.90
C GLY C 629 -7.55 7.61 2.62
N ARG C 630 -8.84 7.36 2.51
CA ARG C 630 -9.39 6.76 1.31
C ARG C 630 -9.02 7.59 0.07
N GLN C 631 -9.28 8.90 0.11
CA GLN C 631 -8.97 9.75 -1.05
C GLN C 631 -7.47 9.85 -1.29
N LEU C 632 -6.70 9.87 -0.20
CA LEU C 632 -5.23 9.89 -0.34
C LEU C 632 -4.72 8.60 -0.99
N ALA C 633 -5.29 7.47 -0.58
CA ALA C 633 -4.85 6.20 -1.13
C ALA C 633 -5.04 6.22 -2.66
N LEU C 634 -6.13 6.83 -3.11
CA LEU C 634 -6.43 6.83 -4.53
C LEU C 634 -5.52 7.82 -5.28
N LYS C 635 -5.12 8.88 -4.56
CA LYS C 635 -4.17 9.85 -5.09
C LYS C 635 -2.81 9.19 -5.30
N ILE C 636 -2.35 8.44 -4.31
CA ILE C 636 -1.08 7.75 -4.45
C ILE C 636 -1.15 6.74 -5.60
N SER C 637 -2.32 6.15 -5.81
CA SER C 637 -2.49 5.16 -6.89
C SER C 637 -2.30 5.85 -8.23
N ALA C 638 -2.85 7.05 -8.35
CA ALA C 638 -2.72 7.81 -9.59
C ALA C 638 -1.27 8.26 -9.79
N ASN C 639 -0.66 8.76 -8.73
CA ASN C 639 0.71 9.24 -8.84
C ASN C 639 1.65 8.06 -9.12
N SER C 640 1.25 6.87 -8.66
CA SER C 640 2.05 5.67 -8.95
C SER C 640 2.06 5.23 -10.40
N VAL C 641 1.04 5.64 -11.17
CA VAL C 641 1.04 5.39 -12.62
C VAL C 641 2.17 6.22 -13.25
N TYR C 642 2.28 7.49 -12.86
CA TYR C 642 3.47 8.29 -13.25
C TYR C 642 4.75 7.59 -12.78
N GLY C 643 4.80 7.21 -11.49
CA GLY C 643 6.02 6.58 -10.93
C GLY C 643 6.45 5.31 -11.65
N PHE C 644 5.46 4.51 -12.03
CA PHE C 644 5.69 3.27 -12.77
C PHE C 644 6.51 3.57 -14.04
N THR C 645 6.17 4.64 -14.76
CA THR C 645 6.90 4.98 -15.99
C THR C 645 8.32 5.42 -15.67
N GLY C 646 8.56 5.87 -14.44
CA GLY C 646 9.91 6.26 -14.03
C GLY C 646 10.68 5.18 -13.28
N ALA C 647 10.12 3.99 -13.14
CA ALA C 647 10.76 2.97 -12.33
C ALA C 647 11.61 2.02 -13.19
N THR C 648 12.93 2.23 -13.20
CA THR C 648 13.87 1.28 -13.83
C THR C 648 14.01 0.02 -12.97
N VAL C 649 13.65 0.14 -11.70
CA VAL C 649 13.48 -1.01 -10.84
C VAL C 649 12.01 -1.41 -10.99
N GLY C 650 11.73 -2.06 -12.11
CA GLY C 650 10.37 -2.28 -12.60
C GLY C 650 10.54 -2.81 -14.01
N LYS C 651 9.44 -3.13 -14.69
CA LYS C 651 9.61 -3.85 -15.96
C LYS C 651 9.08 -3.14 -17.21
N LEU C 652 8.54 -1.93 -17.04
CA LEU C 652 8.16 -1.13 -18.21
C LEU C 652 8.46 0.36 -18.03
N PRO C 653 9.73 0.70 -17.75
CA PRO C 653 10.09 2.12 -17.65
C PRO C 653 9.91 2.82 -19.00
N CYS C 654 9.47 4.07 -18.97
CA CYS C 654 9.53 4.89 -20.16
C CYS C 654 9.84 6.30 -19.69
N LEU C 655 11.13 6.60 -19.61
CA LEU C 655 11.61 7.90 -19.08
C LEU C 655 11.20 9.07 -19.99
N ALA C 656 10.91 8.78 -21.26
CA ALA C 656 10.31 9.82 -22.10
C ALA C 656 9.07 10.38 -21.40
N ILE C 657 8.25 9.48 -20.85
CA ILE C 657 7.02 9.94 -20.18
C ILE C 657 7.36 10.59 -18.84
N SER C 658 8.08 9.86 -17.99
CA SER C 658 8.32 10.36 -16.63
C SER C 658 9.06 11.71 -16.65
N SER C 659 10.13 11.80 -17.44
CA SER C 659 10.87 13.04 -17.66
C SER C 659 10.09 14.16 -18.36
N SER C 660 9.25 13.82 -19.33
CA SER C 660 8.38 14.84 -19.90
C SER C 660 7.44 15.39 -18.82
N VAL C 661 6.88 14.50 -18.00
CA VAL C 661 5.99 14.94 -16.93
C VAL C 661 6.67 15.93 -15.97
N THR C 662 7.85 15.59 -15.47
CA THR C 662 8.52 16.51 -14.54
C THR C 662 8.94 17.81 -15.24
N ALA C 663 9.34 17.70 -16.51
CA ALA C 663 9.68 18.87 -17.33
C ALA C 663 8.48 19.84 -17.47
N TYR C 664 7.33 19.31 -17.88
CA TYR C 664 6.13 20.12 -17.92
C TYR C 664 5.94 20.79 -16.57
N GLY C 665 6.11 20.03 -15.48
CA GLY C 665 5.88 20.56 -14.15
C GLY C 665 6.73 21.76 -13.79
N ARG C 666 8.03 21.67 -14.08
CA ARG C 666 8.94 22.79 -13.91
C ARG C 666 8.49 24.02 -14.71
N THR C 667 8.09 23.83 -15.96
CA THR C 667 7.63 24.95 -16.77
C THR C 667 6.36 25.58 -16.20
N MET C 668 5.49 24.74 -15.64
CA MET C 668 4.22 25.23 -15.13
C MET C 668 4.34 26.06 -13.86
N ILE C 669 5.21 25.64 -12.94
CA ILE C 669 5.40 26.41 -11.73
C ILE C 669 6.09 27.75 -12.06
N LEU C 670 7.08 27.73 -12.95
CA LEU C 670 7.68 28.96 -13.47
C LEU C 670 6.64 29.91 -14.11
N LYS C 671 5.81 29.36 -14.99
CA LYS C 671 4.74 30.15 -15.62
C LYS C 671 3.73 30.69 -14.59
N THR C 672 3.40 29.87 -13.60
CA THR C 672 2.49 30.28 -12.54
C THR C 672 3.09 31.44 -11.73
N LYS C 673 4.34 31.31 -11.31
CA LYS C 673 5.01 32.38 -10.56
C LYS C 673 5.05 33.65 -11.41
N THR C 674 5.44 33.51 -12.66
CA THR C 674 5.56 34.67 -13.54
C THR C 674 4.19 35.33 -13.74
N ALA C 675 3.17 34.52 -14.00
CA ALA C 675 1.86 35.07 -14.28
C ALA C 675 1.28 35.81 -13.06
N VAL C 676 1.41 35.22 -11.88
CA VAL C 676 0.97 35.91 -10.67
C VAL C 676 1.70 37.23 -10.45
N GLN C 677 3.02 37.24 -10.59
CA GLN C 677 3.78 38.47 -10.37
C GLN C 677 3.47 39.57 -11.42
N GLU C 678 3.25 39.16 -12.66
CA GLU C 678 2.95 40.12 -13.70
C GLU C 678 1.54 40.69 -13.62
N LYS C 679 0.60 39.89 -13.13
CA LYS C 679 -0.76 40.38 -13.06
C LYS C 679 -0.98 41.29 -11.84
N TYR C 680 -0.64 40.77 -10.66
CA TYR C 680 -0.99 41.40 -9.41
C TYR C 680 0.10 42.36 -8.98
N CYS C 681 0.14 43.52 -9.65
CA CYS C 681 1.15 44.51 -9.41
C CYS C 681 0.59 45.95 -9.45
N ILE C 682 1.34 46.87 -8.85
CA ILE C 682 0.83 48.22 -8.68
C ILE C 682 0.52 48.88 -10.02
N LYS C 683 1.38 48.64 -11.01
CA LYS C 683 1.20 49.30 -12.29
C LYS C 683 -0.01 48.77 -13.05
N ASN C 684 -0.59 47.67 -12.56
CA ASN C 684 -1.84 47.17 -13.09
C ASN C 684 -3.03 47.57 -12.22
N GLY C 685 -2.81 48.48 -11.28
CA GLY C 685 -3.91 49.02 -10.47
C GLY C 685 -4.13 48.32 -9.13
N TYR C 686 -3.21 47.43 -8.77
CA TYR C 686 -3.28 46.80 -7.45
C TYR C 686 -2.53 47.61 -6.43
N LYS C 687 -2.81 47.35 -5.15
CA LYS C 687 -2.25 48.15 -4.08
C LYS C 687 -0.78 47.83 -3.86
N HIS C 688 -0.40 46.57 -4.12
CA HIS C 688 0.95 46.08 -3.91
C HIS C 688 1.42 45.21 -5.07
N ASP C 689 2.73 45.05 -5.16
CA ASP C 689 3.32 44.09 -6.10
C ASP C 689 3.37 42.74 -5.40
N ALA C 690 2.59 41.80 -5.89
CA ALA C 690 2.57 40.46 -5.32
C ALA C 690 3.95 39.82 -5.41
N VAL C 691 4.32 39.09 -4.37
CA VAL C 691 5.59 38.41 -4.30
C VAL C 691 5.33 36.92 -4.02
N VAL C 692 5.90 36.04 -4.85
CA VAL C 692 5.90 34.60 -4.58
C VAL C 692 7.08 34.35 -3.68
N VAL C 693 6.81 34.04 -2.42
CA VAL C 693 7.88 33.92 -1.43
C VAL C 693 8.46 32.51 -1.36
N TYR C 694 7.68 31.56 -1.86
CA TYR C 694 8.05 30.14 -1.80
C TYR C 694 7.15 29.30 -2.72
N GLY C 695 7.51 28.05 -2.91
CA GLY C 695 6.66 27.11 -3.66
C GLY C 695 7.42 25.81 -3.83
N ASP C 696 6.70 24.70 -3.96
CA ASP C 696 7.34 23.38 -4.07
C ASP C 696 6.56 22.56 -5.08
N THR C 697 7.19 22.33 -6.23
CA THR C 697 6.67 21.39 -7.26
C THR C 697 5.48 21.92 -8.04
N ASP C 698 4.37 22.18 -7.34
CA ASP C 698 3.13 22.57 -8.00
C ASP C 698 2.35 23.58 -7.17
N SER C 699 3.05 24.28 -6.27
CA SER C 699 2.40 25.24 -5.40
C SER C 699 3.17 26.55 -5.42
N VAL C 700 2.46 27.65 -5.13
CA VAL C 700 3.16 28.91 -4.87
C VAL C 700 2.58 29.52 -3.62
N MET C 701 3.45 30.07 -2.78
CA MET C 701 2.99 30.84 -1.63
C MET C 701 3.12 32.31 -2.02
N VAL C 702 1.99 33.02 -2.04
CA VAL C 702 1.95 34.38 -2.58
C VAL C 702 1.65 35.40 -1.47
N LYS C 703 2.51 36.41 -1.40
CA LYS C 703 2.28 37.54 -0.51
C LYS C 703 1.69 38.62 -1.40
N PHE C 704 0.37 38.77 -1.34
CA PHE C 704 -0.27 39.76 -2.21
C PHE C 704 0.06 41.14 -1.67
N GLY C 705 0.31 41.22 -0.37
CA GLY C 705 0.69 42.49 0.24
C GLY C 705 -0.31 43.04 1.23
N THR C 706 -1.58 42.68 1.09
CA THR C 706 -2.61 43.08 2.03
C THR C 706 -2.40 42.47 3.41
N THR C 707 -2.85 43.19 4.43
CA THR C 707 -2.77 42.73 5.80
C THR C 707 -4.07 42.02 6.17
N ASP C 708 -5.05 42.06 5.29
CA ASP C 708 -6.35 41.47 5.56
C ASP C 708 -6.44 40.04 5.06
N LEU C 709 -6.86 39.14 5.95
CA LEU C 709 -6.92 37.71 5.62
C LEU C 709 -7.92 37.39 4.51
N LYS C 710 -9.14 37.89 4.65
CA LYS C 710 -10.16 37.57 3.64
C LYS C 710 -9.77 38.06 2.25
N GLU C 711 -9.18 39.23 2.20
CA GLU C 711 -8.80 39.81 0.92
C GLU C 711 -7.71 38.96 0.28
N ALA C 712 -6.80 38.46 1.11
CA ALA C 712 -5.74 37.60 0.61
C ALA C 712 -6.34 36.31 0.05
N MET C 713 -7.36 35.78 0.73
CA MET C 713 -8.02 34.56 0.27
C MET C 713 -8.80 34.80 -1.02
N ASP C 714 -9.43 35.97 -1.12
CA ASP C 714 -10.16 36.36 -2.33
C ASP C 714 -9.22 36.54 -3.51
N LEU C 715 -8.09 37.21 -3.28
CA LEU C 715 -7.10 37.37 -4.34
C LEU C 715 -6.54 35.99 -4.72
N GLY C 716 -6.29 35.15 -3.74
CA GLY C 716 -5.73 33.82 -4.00
C GLY C 716 -6.64 33.03 -4.92
N THR C 717 -7.94 33.05 -4.61
CA THR C 717 -8.96 32.37 -5.41
C THR C 717 -9.05 32.96 -6.82
N GLU C 718 -9.11 34.27 -6.93
CA GLU C 718 -9.11 34.90 -8.25
C GLU C 718 -7.84 34.55 -9.04
N ALA C 719 -6.68 34.59 -8.38
CA ALA C 719 -5.44 34.29 -9.09
C ALA C 719 -5.40 32.86 -9.63
N ALA C 720 -5.86 31.89 -8.82
CA ALA C 720 -5.85 30.49 -9.25
C ALA C 720 -6.78 30.28 -10.46
N LYS C 721 -7.89 31.02 -10.47
CA LYS C 721 -8.87 30.92 -11.53
C LYS C 721 -8.28 31.47 -12.82
N TYR C 722 -7.60 32.62 -12.70
CA TYR C 722 -6.95 33.23 -13.85
C TYR C 722 -5.83 32.31 -14.35
N VAL C 723 -4.95 31.88 -13.44
CA VAL C 723 -3.83 31.06 -13.87
C VAL C 723 -4.30 29.78 -14.57
N SER C 724 -5.40 29.21 -14.10
CA SER C 724 -5.94 27.98 -14.69
C SER C 724 -6.34 28.15 -16.16
N THR C 725 -6.74 29.36 -16.56
CA THR C 725 -7.07 29.62 -17.96
C THR C 725 -5.85 29.58 -18.86
N LEU C 726 -4.66 29.62 -18.27
CA LEU C 726 -3.43 29.57 -19.08
C LEU C 726 -2.97 28.17 -19.44
N PHE C 727 -3.63 27.15 -18.89
CA PHE C 727 -3.23 25.77 -19.19
C PHE C 727 -4.34 24.94 -19.84
N LYS C 728 -3.94 23.85 -20.49
CA LYS C 728 -4.86 22.95 -21.18
C LYS C 728 -5.63 22.07 -20.20
N HIS C 729 -6.92 21.88 -20.46
CA HIS C 729 -7.77 20.99 -19.67
CA HIS C 729 -7.73 21.01 -19.63
C HIS C 729 -7.09 19.62 -19.59
N PRO C 730 -7.16 18.94 -18.43
CA PRO C 730 -7.87 19.29 -17.19
C PRO C 730 -6.97 19.86 -16.11
N ILE C 731 -5.90 20.53 -16.51
CA ILE C 731 -5.05 21.19 -15.52
C ILE C 731 -5.88 22.27 -14.79
N ASN C 732 -5.70 22.38 -13.48
CA ASN C 732 -6.48 23.28 -12.65
C ASN C 732 -5.69 23.72 -11.44
N LEU C 733 -5.54 25.03 -11.28
CA LEU C 733 -4.92 25.60 -10.10
C LEU C 733 -5.99 26.04 -9.11
N GLU C 734 -5.87 25.68 -7.84
CA GLU C 734 -6.79 26.18 -6.86
C GLU C 734 -6.12 26.84 -5.65
N PHE C 735 -6.83 27.80 -5.07
CA PHE C 735 -6.46 28.37 -3.78
C PHE C 735 -6.74 27.29 -2.74
N GLU C 736 -5.71 26.95 -1.96
CA GLU C 736 -5.80 25.84 -1.02
C GLU C 736 -6.04 26.33 0.40
N LYS C 737 -5.23 27.28 0.86
CA LYS C 737 -5.41 27.82 2.19
C LYS C 737 -4.51 29.04 2.32
N ALA C 738 -4.67 29.76 3.42
CA ALA C 738 -3.81 30.89 3.69
C ALA C 738 -3.06 30.58 4.98
N TYR C 739 -1.80 30.98 5.03
CA TYR C 739 -1.03 30.94 6.26
C TYR C 739 -0.93 32.37 6.82
N PHE C 740 -1.23 32.52 8.12
CA PHE C 740 -1.23 33.83 8.78
C PHE C 740 -1.18 33.62 10.30
N PRO C 741 0.00 33.77 10.90
CA PRO C 741 1.27 34.08 10.28
C PRO C 741 1.93 32.88 9.62
N TYR C 742 3.10 33.11 9.02
CA TYR C 742 3.81 32.09 8.25
C TYR C 742 5.30 32.20 8.57
N LEU C 743 5.86 31.11 9.08
CA LEU C 743 7.26 31.08 9.47
C LEU C 743 8.00 30.17 8.50
N LEU C 744 8.72 30.77 7.57
CA LEU C 744 9.37 30.03 6.51
C LEU C 744 10.85 29.86 6.85
N ILE C 745 11.26 28.63 7.12
CA ILE C 745 12.60 28.39 7.66
C ILE C 745 13.58 28.00 6.56
N ASN C 746 13.16 27.09 5.70
CA ASN C 746 13.98 26.65 4.58
C ASN C 746 13.11 25.89 3.60
N LYS C 747 13.70 25.41 2.51
CA LYS C 747 12.96 24.56 1.59
C LYS C 747 12.42 23.40 2.41
N LYS C 748 11.13 23.13 2.28
CA LYS C 748 10.45 21.97 2.90
C LYS C 748 10.42 22.06 4.42
N ARG C 749 10.66 23.27 4.95
CA ARG C 749 10.70 23.47 6.38
C ARG C 749 9.95 24.76 6.73
N TYR C 750 8.74 24.64 7.27
CA TYR C 750 7.97 25.82 7.64
C TYR C 750 6.84 25.49 8.60
N ALA C 751 6.21 26.52 9.17
CA ALA C 751 5.03 26.34 9.99
C ALA C 751 4.12 27.53 9.75
N GLY C 752 2.83 27.37 10.06
CA GLY C 752 1.93 28.52 9.97
C GLY C 752 0.52 28.18 10.44
N LEU C 753 -0.18 29.20 10.92
CA LEU C 753 -1.60 29.05 11.18
C LEU C 753 -2.30 28.97 9.84
N PHE C 754 -3.10 27.93 9.71
CA PHE C 754 -3.64 27.41 8.45
C PHE C 754 -5.12 27.78 8.41
N TRP C 755 -5.51 28.65 7.47
CA TRP C 755 -6.89 29.16 7.39
C TRP C 755 -7.54 28.73 6.09
N THR C 756 -8.76 28.21 6.18
CA THR C 756 -9.55 27.90 4.99
C THR C 756 -10.80 28.77 5.02
N ASN C 757 -10.99 29.46 6.13
CA ASN C 757 -11.97 30.53 6.20
C ASN C 757 -11.37 31.64 7.06
N PRO C 758 -11.84 32.88 6.87
CA PRO C 758 -11.24 34.05 7.53
C PRO C 758 -11.62 34.25 9.00
N ASP C 759 -12.46 33.37 9.55
CA ASP C 759 -12.99 33.59 10.89
C ASP C 759 -12.26 32.81 11.99
N LYS C 760 -11.92 31.56 11.71
CA LYS C 760 -11.24 30.71 12.69
C LYS C 760 -10.23 29.84 11.97
N PHE C 761 -9.00 29.77 12.46
CA PHE C 761 -7.97 28.96 11.79
C PHE C 761 -8.21 27.45 12.02
N ASP C 762 -7.76 26.62 11.09
CA ASP C 762 -7.99 25.17 11.17
C ASP C 762 -7.00 24.45 12.09
N LYS C 763 -5.73 24.86 12.02
CA LYS C 763 -4.69 24.19 12.78
C LYS C 763 -3.39 25.00 12.68
N LEU C 764 -2.44 24.69 13.56
CA LEU C 764 -1.07 25.12 13.40
C LEU C 764 -0.36 24.06 12.56
N ASP C 765 -0.13 24.36 11.29
CA ASP C 765 0.45 23.40 10.37
C ASP C 765 1.98 23.46 10.43
N GLN C 766 2.63 22.30 10.40
CA GLN C 766 4.09 22.24 10.40
C GLN C 766 4.51 21.29 9.29
N LYS C 767 5.40 21.75 8.42
CA LYS C 767 5.95 20.88 7.39
C LYS C 767 7.45 20.68 7.61
N GLY C 768 7.87 19.41 7.69
CA GLY C 768 9.28 19.04 7.61
C GLY C 768 10.08 19.20 8.88
N LEU C 769 9.61 20.06 9.78
CA LEU C 769 10.32 20.37 11.02
C LEU C 769 10.53 19.14 11.92
N ALA C 770 11.57 19.20 12.73
CA ALA C 770 11.90 18.08 13.61
C ALA C 770 10.67 17.65 14.41
N SER C 771 9.77 18.60 14.65
CA SER C 771 8.60 18.32 15.47
C SER C 771 7.57 17.44 14.78
N VAL C 772 7.74 17.20 13.49
CA VAL C 772 6.88 16.25 12.79
C VAL C 772 7.71 15.11 12.17
N ARG C 773 8.97 14.98 12.54
CA ARG C 773 9.76 13.83 12.06
C ARG C 773 9.77 12.75 13.15
N ARG C 774 9.51 11.51 12.76
CA ARG C 774 9.42 10.43 13.74
C ARG C 774 10.76 9.96 14.28
N ASP C 775 11.86 10.47 13.73
CA ASP C 775 13.17 10.24 14.33
C ASP C 775 13.62 11.29 15.36
N SER C 776 12.79 12.30 15.67
CA SER C 776 13.12 13.23 16.75
C SER C 776 12.84 12.56 18.10
N CYS C 777 13.62 12.90 19.13
CA CYS C 777 13.19 12.52 20.47
C CYS C 777 12.00 13.41 20.88
N SER C 778 11.12 12.95 21.78
CA SER C 778 9.91 13.72 22.04
C SER C 778 10.22 15.00 22.83
N LEU C 779 11.35 15.01 23.54
CA LEU C 779 11.81 16.23 24.19
C LEU C 779 11.85 17.38 23.15
N VAL C 780 12.49 17.13 22.02
CA VAL C 780 12.55 18.15 20.97
C VAL C 780 11.20 18.47 20.32
N SER C 781 10.45 17.45 19.94
CA SER C 781 9.13 17.66 19.34
C SER C 781 8.19 18.45 20.25
N ILE C 782 8.11 18.05 21.51
CA ILE C 782 7.20 18.70 22.43
C ILE C 782 7.58 20.17 22.64
N VAL C 783 8.86 20.43 22.84
CA VAL C 783 9.28 21.79 23.11
C VAL C 783 9.05 22.66 21.88
N MET C 784 9.46 22.18 20.71
CA MET C 784 9.19 22.89 19.48
C MET C 784 7.70 23.18 19.31
N ASN C 785 6.87 22.17 19.53
CA ASN C 785 5.41 22.33 19.42
C ASN C 785 4.90 23.46 20.32
N LYS C 786 5.33 23.44 21.58
CA LYS C 786 4.88 24.44 22.53
C LYS C 786 5.40 25.84 22.18
N VAL C 787 6.65 25.93 21.74
CA VAL C 787 7.23 27.22 21.33
C VAL C 787 6.46 27.81 20.15
N LEU C 788 6.15 26.95 19.17
CA LEU C 788 5.39 27.40 18.01
C LEU C 788 3.99 27.90 18.41
N LYS C 789 3.34 27.16 19.30
CA LYS C 789 2.03 27.56 19.80
C LYS C 789 2.11 28.91 20.55
N LYS C 790 3.08 29.05 21.44
CA LYS C 790 3.22 30.28 22.20
C LYS C 790 3.49 31.48 21.30
N ILE C 791 4.23 31.26 20.21
CA ILE C 791 4.54 32.39 19.34
C ILE C 791 3.42 32.66 18.33
N LEU C 792 3.09 31.66 17.52
CA LEU C 792 2.14 31.88 16.43
C LEU C 792 0.69 32.07 16.88
N ILE C 793 0.31 31.43 17.98
CA ILE C 793 -1.06 31.49 18.45
C ILE C 793 -1.19 32.50 19.56
N GLU C 794 -0.33 32.37 20.58
CA GLU C 794 -0.44 33.24 21.75
C GLU C 794 0.39 34.51 21.59
N ARG C 795 1.20 34.60 20.53
CA ARG C 795 1.99 35.81 20.31
C ARG C 795 2.70 36.19 21.60
N ASN C 796 3.37 35.21 22.21
CA ASN C 796 4.05 35.47 23.46
C ASN C 796 5.48 34.94 23.40
N VAL C 797 6.35 35.72 22.76
CA VAL C 797 7.74 35.35 22.57
C VAL C 797 8.46 35.16 23.91
N ASP C 798 8.20 36.07 24.84
CA ASP C 798 8.74 36.01 26.19
C ASP C 798 8.44 34.68 26.85
N GLY C 799 7.19 34.25 26.79
CA GLY C 799 6.79 32.99 27.39
C GLY C 799 7.49 31.83 26.69
N ALA C 800 7.60 31.89 25.37
CA ALA C 800 8.33 30.85 24.65
C ALA C 800 9.78 30.77 25.12
N LEU C 801 10.43 31.92 25.29
CA LEU C 801 11.84 31.91 25.69
C LEU C 801 12.01 31.40 27.12
N ALA C 802 11.10 31.78 28.01
CA ALA C 802 11.15 31.29 29.39
C ALA C 802 11.01 29.76 29.41
N PHE C 803 10.16 29.25 28.55
CA PHE C 803 9.97 27.82 28.48
C PHE C 803 11.23 27.10 27.95
N VAL C 804 11.86 27.66 26.93
CA VAL C 804 13.10 27.10 26.39
C VAL C 804 14.21 27.12 27.45
N ARG C 805 14.35 28.23 28.18
CA ARG C 805 15.38 28.33 29.22
C ARG C 805 15.15 27.31 30.34
N GLU C 806 13.89 27.14 30.71
CA GLU C 806 13.55 26.15 31.72
C GLU C 806 13.94 24.74 31.23
N THR C 807 13.67 24.49 29.95
CA THR C 807 13.93 23.20 29.33
C THR C 807 15.43 22.94 29.34
N ILE C 808 16.20 23.96 29.00
CA ILE C 808 17.67 23.85 28.98
C ILE C 808 18.16 23.46 30.38
N ASN C 809 17.61 24.13 31.39
CA ASN C 809 17.95 23.86 32.78
C ASN C 809 17.62 22.41 33.16
N ASP C 810 16.47 21.94 32.70
CA ASP C 810 16.01 20.59 33.03
C ASP C 810 16.97 19.56 32.41
N ILE C 811 17.37 19.79 31.18
CA ILE C 811 18.31 18.88 30.51
C ILE C 811 19.59 18.81 31.32
N LEU C 812 20.16 19.97 31.64
CA LEU C 812 21.46 20.03 32.27
C LEU C 812 21.43 19.54 33.72
N HIS C 813 20.28 19.60 34.36
CA HIS C 813 20.18 19.07 35.72
C HIS C 813 19.50 17.69 35.77
N ASN C 814 19.50 16.97 34.64
CA ASN C 814 18.98 15.60 34.61
CA ASN C 814 18.96 15.61 34.59
C ASN C 814 17.54 15.50 35.12
N ARG C 815 16.68 16.42 34.72
CA ARG C 815 15.30 16.41 35.18
CA ARG C 815 15.30 16.44 35.18
C ARG C 815 14.35 15.96 34.07
N VAL C 816 14.90 15.46 32.98
CA VAL C 816 14.09 15.01 31.85
C VAL C 816 13.95 13.48 31.88
N ASP C 817 12.72 12.97 31.94
CA ASP C 817 12.49 11.52 31.90
C ASP C 817 13.11 10.86 30.67
N ILE C 818 13.74 9.71 30.86
CA ILE C 818 14.42 9.02 29.74
C ILE C 818 13.50 8.80 28.54
N SER C 819 12.20 8.71 28.77
CA SER C 819 11.28 8.48 27.67
C SER C 819 11.32 9.59 26.63
N LYS C 820 11.58 10.83 27.05
CA LYS C 820 11.68 11.97 26.14
C LYS C 820 13.01 12.05 25.42
N LEU C 821 13.97 11.23 25.81
CA LEU C 821 15.30 11.21 25.18
C LEU C 821 15.48 10.09 24.15
N ILE C 822 14.52 9.16 24.11
CA ILE C 822 14.57 8.05 23.17
C ILE C 822 14.39 8.55 21.74
N ILE C 823 15.33 8.16 20.90
CA ILE C 823 15.32 8.44 19.49
C ILE C 823 15.07 7.09 18.79
N SER C 824 14.21 7.05 17.77
CA SER C 824 13.94 5.80 17.04
C SER C 824 14.28 5.96 15.58
N LYS C 825 15.04 5.00 15.04
CA LYS C 825 15.35 4.98 13.60
C LYS C 825 15.26 3.56 13.06
N THR C 826 14.77 3.45 11.83
CA THR C 826 14.69 2.18 11.11
C THR C 826 16.05 1.59 10.75
N LEU C 827 16.20 0.30 11.02
CA LEU C 827 17.41 -0.45 10.67
C LEU C 827 17.40 -0.79 9.17
N ALA C 828 18.42 -0.35 8.45
CA ALA C 828 18.52 -0.60 7.01
C ALA C 828 19.16 -1.96 6.80
N PRO C 829 18.97 -2.57 5.62
CA PRO C 829 19.50 -3.91 5.35
C PRO C 829 21.03 -3.93 5.35
N ASN C 830 21.64 -2.93 4.74
CA ASN C 830 23.11 -2.85 4.79
C ASN C 830 23.60 -1.41 4.95
N TYR C 831 24.88 -1.29 5.29
CA TYR C 831 25.46 -0.01 5.67
C TYR C 831 26.84 0.14 5.07
N THR C 832 27.14 1.37 4.65
CA THR C 832 28.50 1.76 4.29
C THR C 832 29.09 2.52 5.48
N ASN C 833 28.31 3.45 6.02
CA ASN C 833 28.72 4.20 7.18
C ASN C 833 28.02 3.66 8.44
N PRO C 834 28.79 3.41 9.51
CA PRO C 834 28.16 2.87 10.71
C PRO C 834 27.23 3.88 11.38
N GLN C 835 26.00 3.46 11.68
CA GLN C 835 25.07 4.34 12.34
C GLN C 835 24.87 3.86 13.76
N PRO C 836 24.65 4.80 14.70
CA PRO C 836 24.50 4.45 16.11
C PRO C 836 23.44 3.37 16.36
N HIS C 837 22.27 3.47 15.72
CA HIS C 837 21.22 2.45 16.00
C HIS C 837 21.50 1.08 15.39
N ALA C 838 22.27 1.06 14.31
CA ALA C 838 22.66 -0.19 13.65
C ALA C 838 23.76 -0.89 14.46
N VAL C 839 24.69 -0.10 14.99
CA VAL C 839 25.72 -0.62 15.87
C VAL C 839 25.07 -1.19 17.13
N LEU C 840 24.07 -0.48 17.65
CA LEU C 840 23.34 -0.95 18.83
C LEU C 840 22.55 -2.23 18.53
N ALA C 841 21.89 -2.30 17.38
CA ALA C 841 21.12 -3.50 17.03
C ALA C 841 21.99 -4.78 17.05
N GLU C 842 23.24 -4.68 16.60
CA GLU C 842 24.14 -5.85 16.53
C GLU C 842 24.53 -6.18 17.96
N ARG C 843 24.82 -5.14 18.73
CA ARG C 843 25.22 -5.30 20.13
C ARG C 843 24.15 -6.03 20.93
N MET C 844 22.89 -5.70 20.68
CA MET C 844 21.76 -6.33 21.36
C MET C 844 21.67 -7.82 21.02
N LYS C 845 21.91 -8.14 19.76
CA LYS C 845 21.94 -9.56 19.37
C LYS C 845 23.08 -10.34 20.05
N ARG C 846 24.24 -9.69 20.16
CA ARG C 846 25.35 -10.31 20.89
C ARG C 846 24.97 -10.60 22.34
N ARG C 847 24.28 -9.65 22.98
CA ARG C 847 23.91 -9.82 24.40
C ARG C 847 22.77 -10.81 24.60
N GLU C 848 21.79 -10.83 23.70
CA GLU C 848 20.55 -11.58 23.93
C GLU C 848 20.24 -12.68 22.91
N GLY C 849 21.07 -12.78 21.87
CA GLY C 849 20.81 -13.76 20.84
C GLY C 849 19.77 -13.26 19.84
N VAL C 850 18.97 -12.28 20.24
CA VAL C 850 18.04 -11.66 19.31
C VAL C 850 18.03 -10.15 19.50
N GLY C 851 17.56 -9.45 18.49
CA GLY C 851 17.54 -8.00 18.50
C GLY C 851 16.74 -7.55 17.31
N PRO C 852 16.68 -6.23 17.10
CA PRO C 852 15.88 -5.66 16.03
C PRO C 852 16.29 -6.26 14.69
N ASN C 853 15.32 -6.57 13.85
CA ASN C 853 15.65 -7.02 12.51
C ASN C 853 15.61 -5.88 11.51
N VAL C 854 16.19 -6.11 10.35
CA VAL C 854 16.12 -5.15 9.28
C VAL C 854 14.69 -4.70 9.10
N GLY C 855 14.47 -3.38 9.07
CA GLY C 855 13.14 -2.84 8.89
C GLY C 855 12.40 -2.49 10.17
N ASP C 856 12.91 -2.93 11.32
CA ASP C 856 12.36 -2.52 12.62
C ASP C 856 12.89 -1.15 13.00
N ARG C 857 12.12 -0.41 13.79
CA ARG C 857 12.63 0.82 14.36
C ARG C 857 13.45 0.45 15.59
N VAL C 858 14.63 1.03 15.75
CA VAL C 858 15.48 0.78 16.90
C VAL C 858 15.42 1.99 17.84
N ASP C 859 15.04 1.76 19.09
CA ASP C 859 15.01 2.80 20.12
C ASP C 859 16.34 2.90 20.84
N TYR C 860 16.81 4.12 21.06
CA TYR C 860 18.07 4.32 21.77
C TYR C 860 18.15 5.67 22.44
N VAL C 861 19.10 5.80 23.38
CA VAL C 861 19.48 7.09 23.91
C VAL C 861 20.98 7.18 23.75
N ILE C 862 21.50 8.41 23.69
CA ILE C 862 22.96 8.63 23.60
C ILE C 862 23.53 8.72 25.00
N ILE C 863 24.50 7.87 25.30
CA ILE C 863 25.09 7.82 26.63
C ILE C 863 26.42 8.56 26.65
N GLY C 864 26.87 8.96 27.84
CA GLY C 864 28.12 9.73 27.97
C GLY C 864 29.35 8.88 27.78
N GLY C 865 30.46 9.48 27.39
CA GLY C 865 31.68 8.70 27.21
C GLY C 865 32.58 9.25 26.13
N ASN C 866 33.74 8.62 25.96
CA ASN C 866 34.82 9.14 25.11
C ASN C 866 34.83 8.57 23.68
N ASP C 867 34.08 7.50 23.47
CA ASP C 867 33.95 6.86 22.16
C ASP C 867 33.25 7.73 21.11
N LYS C 868 33.42 7.36 19.84
CA LYS C 868 32.63 7.95 18.75
C LYS C 868 31.13 7.85 19.06
N LEU C 869 30.37 8.82 18.56
CA LEU C 869 28.91 8.82 18.72
C LEU C 869 28.25 7.51 18.33
N TYR C 870 28.65 6.95 17.19
CA TYR C 870 27.95 5.75 16.72
C TYR C 870 28.23 4.56 17.62
N ASN C 871 29.19 4.69 18.53
CA ASN C 871 29.40 3.67 19.54
C ASN C 871 28.70 4.03 20.86
N ARG C 872 27.94 5.12 20.88
CA ARG C 872 27.35 5.56 22.14
C ARG C 872 25.81 5.57 22.15
N ALA C 873 25.22 4.77 21.28
CA ALA C 873 23.77 4.57 21.34
C ALA C 873 23.51 3.30 22.12
N GLU C 874 22.58 3.38 23.08
CA GLU C 874 22.30 2.26 23.94
C GLU C 874 20.78 2.07 24.14
N ASP C 875 20.41 0.81 24.36
CA ASP C 875 19.06 0.39 24.71
C ASP C 875 18.62 1.08 26.00
N PRO C 876 17.49 1.78 25.96
CA PRO C 876 16.98 2.52 27.15
C PRO C 876 16.81 1.62 28.37
N LEU C 877 16.35 0.38 28.17
CA LEU C 877 16.22 -0.55 29.29
C LEU C 877 17.58 -0.94 29.86
N PHE C 878 18.56 -1.15 28.98
CA PHE C 878 19.91 -1.45 29.42
C PHE C 878 20.45 -0.26 30.23
N VAL C 879 20.24 0.94 29.72
CA VAL C 879 20.60 2.18 30.43
C VAL C 879 19.98 2.25 31.84
N LEU C 880 18.69 1.97 31.95
CA LEU C 880 18.03 2.03 33.25
C LEU C 880 18.57 0.95 34.20
N GLU C 881 18.69 -0.27 33.70
CA GLU C 881 19.15 -1.41 34.49
C GLU C 881 20.50 -1.15 35.14
N ASN C 882 21.40 -0.50 34.39
CA ASN C 882 22.78 -0.37 34.84
C ASN C 882 23.15 1.02 35.27
N ASN C 883 22.13 1.86 35.41
CA ASN C 883 22.37 3.21 35.92
C ASN C 883 23.38 3.97 35.06
N ILE C 884 23.26 3.85 33.75
CA ILE C 884 24.22 4.47 32.85
C ILE C 884 23.85 5.94 32.62
N GLN C 885 24.82 6.83 32.69
CA GLN C 885 24.50 8.26 32.53
C GLN C 885 24.30 8.60 31.06
N VAL C 886 23.17 9.25 30.77
CA VAL C 886 22.88 9.75 29.42
C VAL C 886 23.70 11.01 29.14
N ASP C 887 24.05 11.24 27.88
CA ASP C 887 24.84 12.40 27.49
C ASP C 887 23.95 13.64 27.43
N SER C 888 23.66 14.21 28.59
CA SER C 888 22.81 15.39 28.70
C SER C 888 23.23 16.57 27.82
N ARG C 889 24.52 16.88 27.81
CA ARG C 889 24.98 18.00 26.99
C ARG C 889 24.72 17.71 25.52
N TYR C 890 24.86 16.45 25.12
CA TYR C 890 24.55 16.05 23.74
C TYR C 890 23.11 16.42 23.37
N TYR C 891 22.18 16.10 24.26
CA TYR C 891 20.79 16.42 23.96
C TYR C 891 20.56 17.92 23.85
N LEU C 892 21.28 18.69 24.66
CA LEU C 892 21.16 20.15 24.54
C LEU C 892 21.70 20.64 23.20
N THR C 893 22.95 20.30 22.90
CA THR C 893 23.64 20.96 21.80
C THR C 893 23.38 20.32 20.45
N ASN C 894 23.14 19.00 20.46
CA ASN C 894 23.03 18.26 19.21
C ASN C 894 21.61 17.80 18.92
N GLN C 895 20.68 18.04 19.84
CA GLN C 895 19.29 17.73 19.54
C GLN C 895 18.41 18.98 19.62
N LEU C 896 18.40 19.62 20.77
CA LEU C 896 17.47 20.77 21.00
C LEU C 896 17.89 22.06 20.31
N GLN C 897 19.18 22.34 20.38
CA GLN C 897 19.67 23.68 20.10
C GLN C 897 19.36 24.17 18.67
N ASN C 898 19.75 23.40 17.66
CA ASN C 898 19.58 23.87 16.28
C ASN C 898 18.14 24.09 15.82
N PRO C 899 17.25 23.12 16.10
CA PRO C 899 15.85 23.31 15.70
C PRO C 899 15.20 24.52 16.42
N ILE C 900 15.51 24.71 17.70
CA ILE C 900 14.96 25.84 18.44
C ILE C 900 15.47 27.18 17.89
N ILE C 901 16.78 27.28 17.68
CA ILE C 901 17.34 28.50 17.10
C ILE C 901 16.67 28.78 15.75
N SER C 902 16.50 27.75 14.92
CA SER C 902 15.91 27.97 13.59
C SER C 902 14.49 28.52 13.65
N ILE C 903 13.77 28.25 14.73
CA ILE C 903 12.44 28.81 14.80
C ILE C 903 12.36 30.17 15.47
N VAL C 904 13.25 30.46 16.42
CA VAL C 904 13.18 31.77 17.11
C VAL C 904 14.07 32.87 16.54
N ALA C 905 15.17 32.51 15.90
CA ALA C 905 16.06 33.51 15.29
C ALA C 905 15.33 34.46 14.34
N PRO C 906 14.42 33.95 13.52
CA PRO C 906 13.71 34.87 12.64
C PRO C 906 12.91 35.93 13.39
N ILE C 907 12.74 35.75 14.71
CA ILE C 907 11.95 36.70 15.50
C ILE C 907 12.83 37.55 16.40
N ILE C 908 13.70 36.90 17.16
CA ILE C 908 14.56 37.61 18.11
C ILE C 908 15.94 37.90 17.54
N GLY C 909 16.26 37.31 16.39
CA GLY C 909 17.56 37.51 15.74
C GLY C 909 18.57 36.44 16.13
N ASP C 910 19.56 36.23 15.26
CA ASP C 910 20.59 35.19 15.42
C ASP C 910 21.39 35.31 16.71
N LYS C 911 21.72 36.54 17.08
CA LYS C 911 22.60 36.81 18.21
C LYS C 911 21.95 36.37 19.52
N GLN C 912 20.73 36.84 19.76
CA GLN C 912 19.99 36.44 20.96
C GLN C 912 19.69 34.95 21.00
N ALA C 913 19.22 34.43 19.88
CA ALA C 913 18.91 33.02 19.78
C ALA C 913 20.13 32.19 20.20
N ASN C 914 21.29 32.50 19.63
CA ASN C 914 22.53 31.81 20.00
C ASN C 914 22.99 32.03 21.45
N GLY C 915 22.86 33.26 21.92
CA GLY C 915 23.19 33.56 23.31
C GLY C 915 22.40 32.73 24.30
N MET C 916 21.14 32.47 23.98
CA MET C 916 20.28 31.68 24.87
C MET C 916 20.88 30.29 25.13
N PHE C 917 21.69 29.80 24.19
CA PHE C 917 22.31 28.48 24.32
C PHE C 917 23.75 28.46 24.87
N VAL C 918 24.22 29.61 25.34
CA VAL C 918 25.49 29.69 26.07
C VAL C 918 25.32 29.74 27.59
N VAL C 919 25.43 28.65 28.35
CA VAL C 919 25.24 27.29 27.96
C VAL C 919 23.77 27.03 28.25
CA CA D . 22.08 18.32 -0.01
N1 DCP E . 4.00 13.33 -6.16
C2 DCP E . 4.31 11.96 -6.36
N3 DCP E . 4.08 11.04 -5.36
C4 DCP E . 3.58 11.44 -4.18
C5 DCP E . 3.27 12.79 -3.95
C6 DCP E . 3.49 13.73 -4.99
O2 DCP E . 4.76 11.59 -7.48
N4 DCP E . 3.38 10.53 -3.20
C1' DCP E . 4.21 14.26 -7.29
C2' DCP E . 3.05 14.03 -8.26
C3' DCP E . 2.02 15.05 -7.78
C4' DCP E . 2.92 16.23 -7.45
O4' DCP E . 4.08 15.63 -6.85
O3' DCP E . 0.98 15.31 -8.75
C5' DCP E . 2.31 17.26 -6.51
O5' DCP E . 2.13 16.65 -5.24
PA DCP E . 0.75 16.86 -4.44
O1A DCP E . 0.25 18.28 -4.58
O2A DCP E . 0.94 16.33 -3.06
O3A DCP E . -0.24 15.86 -5.18
PB DCP E . -1.33 16.13 -6.33
O1B DCP E . -1.21 14.93 -7.21
O2B DCP E . -1.23 17.45 -7.06
O3B DCP E . -2.71 15.95 -5.53
PG DCP E . -3.72 17.05 -4.89
O1G DCP E . -4.08 16.42 -3.57
O2G DCP E . -4.88 17.03 -5.85
O3G DCP E . -2.96 18.34 -4.75
CA CA F . -1.29 19.44 -5.92
CA CA G . 1.31 20.50 -3.52
CA CA H . -3.95 20.49 -3.39
CA CA I . -1.18 -9.95 20.65
C ACT J . 19.83 14.60 -11.83
O ACT J . 20.00 13.38 -11.62
OXT ACT J . 20.22 15.41 -10.94
CH3 ACT J . 19.18 15.10 -13.11
C ACT K . 9.27 -35.99 -28.47
O ACT K . 8.40 -35.73 -29.34
OXT ACT K . 8.86 -36.45 -27.38
CH3 ACT K . 10.74 -35.76 -28.72
#